data_5S80
#
_entry.id   5S80
#
_cell.length_a   126.907
_cell.length_b   84.648
_cell.length_c   87.762
_cell.angle_alpha   90.000
_cell.angle_beta   131.030
_cell.angle_gamma   90.000
#
_symmetry.space_group_name_H-M   'C 1 2 1'
#
loop_
_entity.id
_entity.type
_entity.pdbx_description
1 polymer 'Activin receptor type-1'
2 non-polymer 4-methyl-3-[4-(1-methylpiperidin-4-yl)phenyl]-5-(3,4,5-trimethoxyphenyl)pyridine
3 non-polymer 1,2-ETHANEDIOL
4 non-polymer 'DIMETHYL SULFOXIDE'
5 non-polymer 'L(+)-TARTARIC ACID'
6 non-polymer 'SULFATE ION'
7 non-polymer N-hydroxypropanamide
8 water water
#
_entity_poly.entity_id   1
_entity_poly.type   'polypeptide(L)'
_entity_poly.pdbx_seq_one_letter_code
;SMQRTVARDITLLECVGKGRYGEVWRGSWQGENVAVKIFSSRDEKSWFRETELYNTVMLRHENILGFIASDMTSRHSSTQ
LWLITHYHEMGSLYDYLQLTTLDTVSCLRIVLSIASGLAHLHIEIFGTQGKPAIAHRDLKSKNILVKKNGQCCIADLGLA
VMHSQSTNQLDVGNNPRVGTKRYMAPEVLDETIQVDCFDSYKRVDIWAFGLVLWEVARRMVSNGIVEDYKPPFYDVVPND
PSFEDMRKVVCVDQQRPNIPNRWFSDPTLTSLAKLMKECWYQNPSARLTALRIKKTLTKID
;
_entity_poly.pdbx_strand_id   A,B
#
loop_
_chem_comp.id
_chem_comp.type
_chem_comp.name
_chem_comp.formula
DMS non-polymer 'DIMETHYL SULFOXIDE' 'C2 H6 O S'
EDO non-polymer 1,2-ETHANEDIOL 'C2 H6 O2'
LU8 non-polymer 4-methyl-3-[4-(1-methylpiperidin-4-yl)phenyl]-5-(3,4,5-trimethoxyphenyl)pyridine 'C27 H32 N2 O3'
SO4 non-polymer 'SULFATE ION' 'O4 S -2'
TLA non-polymer 'L(+)-TARTARIC ACID' 'C4 H6 O6'
XGM non-polymer N-hydroxypropanamide 'C3 H7 N O2'
#
# COMPACT_ATOMS: atom_id res chain seq x y z
N ARG A 4 -19.01 -2.01 -38.12
CA ARG A 4 -18.80 -0.77 -37.29
C ARG A 4 -17.56 -0.03 -37.81
N THR A 5 -17.58 1.30 -37.72
CA THR A 5 -16.49 2.21 -38.16
C THR A 5 -15.48 2.30 -37.02
N VAL A 6 -14.21 2.07 -37.31
CA VAL A 6 -13.08 2.25 -36.35
C VAL A 6 -12.38 3.56 -36.73
N ALA A 7 -12.72 4.63 -36.02
CA ALA A 7 -12.22 6.02 -36.24
C ALA A 7 -10.79 6.07 -35.72
N ARG A 8 -9.85 6.25 -36.64
CA ARG A 8 -8.40 6.24 -36.34
C ARG A 8 -7.81 7.60 -36.69
N ASP A 9 -8.52 8.44 -37.45
CA ASP A 9 -8.03 9.79 -37.79
C ASP A 9 -7.74 10.53 -36.47
N ILE A 10 -6.54 11.07 -36.36
CA ILE A 10 -6.15 12.06 -35.33
C ILE A 10 -5.71 13.32 -36.06
N THR A 11 -6.39 14.45 -35.82
CA THR A 11 -5.95 15.77 -36.31
C THR A 11 -4.80 16.24 -35.42
N LEU A 12 -3.63 16.50 -36.02
CA LEU A 12 -2.46 17.07 -35.31
C LEU A 12 -2.59 18.59 -35.36
N LEU A 13 -2.77 19.24 -34.20
CA LEU A 13 -3.16 20.67 -34.16
C LEU A 13 -1.91 21.50 -33.92
N GLU A 14 -1.08 21.14 -32.95
CA GLU A 14 0.15 21.94 -32.67
C GLU A 14 1.25 21.06 -32.09
N CYS A 15 2.47 21.32 -32.54
CA CYS A 15 3.70 20.67 -32.05
C CYS A 15 4.07 21.34 -30.73
N VAL A 16 4.10 20.57 -29.65
CA VAL A 16 4.35 21.09 -28.28
C VAL A 16 5.74 20.62 -27.83
N GLY A 17 6.50 19.98 -28.72
CA GLY A 17 7.83 19.43 -28.39
C GLY A 17 8.52 18.90 -29.65
N LYS A 18 9.82 19.16 -29.76
CA LYS A 18 10.68 18.69 -30.88
C LYS A 18 12.04 18.38 -30.26
N GLY A 19 12.71 17.34 -30.74
CA GLY A 19 13.99 16.91 -30.17
C GLY A 19 14.58 15.76 -30.96
N ARG A 20 15.66 15.18 -30.45
CA ARG A 20 16.35 14.02 -31.04
C ARG A 20 15.38 12.82 -30.98
N TYR A 21 14.50 12.75 -29.96
CA TYR A 21 13.47 11.68 -29.74
C TYR A 21 12.44 11.67 -30.88
N GLY A 22 12.28 12.82 -31.55
CA GLY A 22 11.19 13.11 -32.51
C GLY A 22 10.40 14.33 -32.07
N GLU A 23 9.06 14.25 -32.12
CA GLU A 23 8.12 15.38 -31.86
C GLU A 23 6.94 14.92 -30.98
N VAL A 24 6.40 15.83 -30.18
CA VAL A 24 5.08 15.64 -29.52
C VAL A 24 4.08 16.67 -30.07
N TRP A 25 2.89 16.20 -30.42
CA TRP A 25 1.78 17.05 -30.93
C TRP A 25 0.61 17.01 -29.97
N ARG A 26 -0.02 18.16 -29.77
CA ARG A 26 -1.44 18.21 -29.33
C ARG A 26 -2.27 17.76 -30.54
N GLY A 27 -3.08 16.73 -30.33
CA GLY A 27 -4.00 16.22 -31.37
C GLY A 27 -5.42 16.14 -30.87
N SER A 28 -6.33 15.90 -31.80
CA SER A 28 -7.78 15.77 -31.55
C SER A 28 -8.23 14.40 -32.06
N TRP A 29 -8.89 13.60 -31.22
CA TRP A 29 -9.55 12.34 -31.63
C TRP A 29 -11.01 12.36 -31.16
N GLN A 30 -11.97 12.40 -32.08
CA GLN A 30 -13.40 12.41 -31.70
C GLN A 30 -13.65 13.58 -30.75
N GLY A 31 -13.11 14.76 -31.07
CA GLY A 31 -13.35 16.01 -30.34
C GLY A 31 -12.57 16.13 -29.04
N GLU A 32 -11.76 15.12 -28.70
CA GLU A 32 -11.00 14.97 -27.41
C GLU A 32 -9.50 15.20 -27.66
N ASN A 33 -8.87 16.12 -26.93
CA ASN A 33 -7.39 16.34 -27.01
C ASN A 33 -6.67 15.03 -26.65
N VAL A 34 -5.66 14.70 -27.42
CA VAL A 34 -4.70 13.60 -27.10
C VAL A 34 -3.30 14.15 -27.33
N ALA A 35 -2.30 13.52 -26.73
CA ALA A 35 -0.88 13.84 -27.06
C ALA A 35 -0.34 12.73 -27.98
N VAL A 36 0.29 13.13 -29.08
CA VAL A 36 0.86 12.18 -30.07
C VAL A 36 2.37 12.38 -30.10
N LYS A 37 3.08 11.38 -29.62
CA LYS A 37 4.56 11.34 -29.74
C LYS A 37 4.92 10.58 -31.01
N ILE A 38 5.55 11.28 -31.95
CA ILE A 38 6.06 10.71 -33.24
C ILE A 38 7.57 10.48 -33.10
N PHE A 39 7.99 9.22 -33.04
CA PHE A 39 9.39 8.86 -32.74
C PHE A 39 10.26 9.03 -33.98
N SER A 40 11.47 9.56 -33.79
CA SER A 40 12.57 9.53 -34.78
C SER A 40 13.03 8.07 -34.94
N SER A 41 13.62 7.73 -36.08
CA SER A 41 14.28 6.42 -36.31
C SER A 41 15.33 6.21 -35.21
N ARG A 42 16.02 7.29 -34.82
CA ARG A 42 17.03 7.32 -33.72
C ARG A 42 16.47 6.72 -32.43
N ASP A 43 15.19 6.94 -32.12
CA ASP A 43 14.61 6.54 -30.80
C ASP A 43 13.53 5.45 -30.95
N GLU A 44 13.60 4.61 -31.98
CA GLU A 44 12.52 3.62 -32.22
C GLU A 44 12.47 2.63 -31.06
N LYS A 45 13.60 2.32 -30.42
CA LYS A 45 13.62 1.32 -29.33
C LYS A 45 12.75 1.81 -28.17
N SER A 46 12.63 3.12 -27.96
CA SER A 46 11.82 3.69 -26.86
C SER A 46 10.33 3.38 -27.12
N TRP A 47 9.90 3.48 -28.38
CA TRP A 47 8.53 3.09 -28.80
C TRP A 47 8.32 1.60 -28.54
N PHE A 48 9.26 0.73 -28.93
CA PHE A 48 9.15 -0.73 -28.69
C PHE A 48 9.10 -1.02 -27.20
N ARG A 49 9.95 -0.40 -26.38
CA ARG A 49 9.99 -0.75 -24.92
C ARG A 49 8.70 -0.30 -24.24
N GLU A 50 8.21 0.90 -24.55
CA GLU A 50 6.97 1.42 -23.94
C GLU A 50 5.79 0.54 -24.37
N THR A 51 5.73 0.20 -25.65
CA THR A 51 4.67 -0.68 -26.22
C THR A 51 4.75 -2.07 -25.55
N GLU A 52 5.94 -2.67 -25.48
CA GLU A 52 6.08 -3.99 -24.83
C GLU A 52 5.62 -3.96 -23.38
N LEU A 53 5.95 -2.90 -22.65
CA LEU A 53 5.57 -2.77 -21.23
C LEU A 53 4.02 -2.76 -21.11
N TYR A 54 3.36 -1.92 -21.91
CA TYR A 54 1.89 -1.73 -21.85
C TYR A 54 1.16 -2.95 -22.40
N ASN A 55 1.83 -3.73 -23.27
CA ASN A 55 1.31 -5.03 -23.75
C ASN A 55 1.42 -6.04 -22.61
N THR A 56 2.33 -5.82 -21.66
CA THR A 56 2.55 -6.71 -20.48
C THR A 56 1.60 -6.32 -19.34
N VAL A 57 1.46 -5.04 -19.05
CA VAL A 57 0.64 -4.54 -17.91
C VAL A 57 0.03 -3.22 -18.37
N MET A 58 -1.30 -3.11 -18.33
CA MET A 58 -1.96 -1.84 -18.71
C MET A 58 -1.96 -0.95 -17.47
N LEU A 59 -0.93 -0.13 -17.33
CA LEU A 59 -0.78 0.74 -16.14
C LEU A 59 -1.95 1.72 -16.15
N ARG A 60 -2.65 1.84 -15.03
CA ARG A 60 -3.72 2.86 -14.88
C ARG A 60 -3.53 3.50 -13.51
N HIS A 61 -3.06 4.73 -13.49
CA HIS A 61 -2.80 5.45 -12.22
C HIS A 61 -2.92 6.95 -12.46
N GLU A 62 -3.56 7.68 -11.54
CA GLU A 62 -3.74 9.15 -11.75
C GLU A 62 -2.38 9.88 -11.86
N ASN A 63 -1.27 9.30 -11.40
CA ASN A 63 0.06 9.98 -11.44
C ASN A 63 1.00 9.30 -12.45
N ILE A 64 0.45 8.50 -13.36
N ILE A 64 0.44 8.55 -13.39
CA ILE A 64 1.16 7.96 -14.55
CA ILE A 64 1.17 7.99 -14.55
C ILE A 64 0.46 8.49 -15.82
C ILE A 64 0.47 8.46 -15.83
N LEU A 65 1.20 9.07 -16.76
CA LEU A 65 0.62 9.57 -18.02
C LEU A 65 -0.25 8.49 -18.68
N GLY A 66 -1.50 8.85 -19.00
CA GLY A 66 -2.53 7.88 -19.41
C GLY A 66 -2.30 7.35 -20.80
N PHE A 67 -2.08 6.05 -20.93
CA PHE A 67 -1.90 5.40 -22.24
C PHE A 67 -3.24 5.31 -22.98
N ILE A 68 -3.19 5.65 -24.27
CA ILE A 68 -4.32 5.47 -25.22
C ILE A 68 -3.97 4.44 -26.30
N ALA A 69 -2.87 4.64 -27.06
CA ALA A 69 -2.52 3.71 -28.17
C ALA A 69 -1.04 3.75 -28.55
N SER A 70 -0.52 2.60 -28.99
CA SER A 70 0.69 2.49 -29.83
C SER A 70 0.27 2.15 -31.27
N ASP A 71 0.76 2.94 -32.21
CA ASP A 71 0.50 2.77 -33.65
C ASP A 71 1.83 2.61 -34.40
N MET A 72 1.96 1.53 -35.17
CA MET A 72 2.97 1.39 -36.24
C MET A 72 2.27 1.43 -37.61
N THR A 73 2.62 2.39 -38.47
CA THR A 73 2.04 2.54 -39.82
C THR A 73 3.14 2.28 -40.87
N SER A 74 2.87 1.46 -41.87
CA SER A 74 3.81 1.11 -42.97
C SER A 74 3.90 2.32 -43.91
N ARG A 75 5.11 2.79 -44.21
CA ARG A 75 5.36 3.85 -45.22
C ARG A 75 6.16 3.21 -46.36
N HIS A 76 6.19 3.84 -47.55
CA HIS A 76 6.93 3.35 -48.75
C HIS A 76 8.33 2.88 -48.29
N SER A 77 9.14 3.79 -47.72
CA SER A 77 10.58 3.58 -47.43
C SER A 77 10.83 3.31 -45.93
N SER A 78 9.83 3.49 -45.07
CA SER A 78 10.04 3.59 -43.59
C SER A 78 8.84 3.05 -42.81
N THR A 79 9.03 2.90 -41.49
CA THR A 79 7.96 2.65 -40.50
C THR A 79 7.73 3.91 -39.65
N GLN A 80 6.47 4.33 -39.53
CA GLN A 80 6.03 5.48 -38.70
C GLN A 80 5.55 4.95 -37.34
N LEU A 81 6.10 5.44 -36.24
CA LEU A 81 5.77 4.98 -34.87
C LEU A 81 5.21 6.15 -34.05
N TRP A 82 3.98 6.01 -33.55
CA TRP A 82 3.24 6.99 -32.72
C TRP A 82 2.91 6.36 -31.38
N LEU A 83 3.11 7.11 -30.29
CA LEU A 83 2.53 6.79 -28.96
C LEU A 83 1.46 7.85 -28.66
N ILE A 84 0.27 7.41 -28.30
CA ILE A 84 -0.88 8.34 -28.12
C ILE A 84 -1.24 8.27 -26.66
N THR A 85 -1.29 9.42 -26.00
CA THR A 85 -1.58 9.48 -24.55
C THR A 85 -2.62 10.56 -24.26
N HIS A 86 -3.08 10.59 -23.02
CA HIS A 86 -3.76 11.79 -22.44
C HIS A 86 -2.92 13.02 -22.71
N TYR A 87 -3.60 14.15 -22.86
CA TYR A 87 -2.99 15.46 -23.12
C TYR A 87 -3.11 16.33 -21.85
N HIS A 88 -1.97 16.88 -21.37
CA HIS A 88 -1.93 17.75 -20.18
C HIS A 88 -1.50 19.15 -20.60
N GLU A 89 -2.49 20.02 -20.79
CA GLU A 89 -2.30 21.34 -21.45
C GLU A 89 -1.33 22.24 -20.66
N MET A 90 -1.16 22.04 -19.34
CA MET A 90 -0.23 22.90 -18.56
C MET A 90 1.23 22.50 -18.82
N GLY A 91 1.48 21.35 -19.44
CA GLY A 91 2.82 20.98 -19.95
C GLY A 91 3.66 20.34 -18.87
N SER A 92 4.99 20.33 -19.02
CA SER A 92 5.90 19.64 -18.08
C SER A 92 6.11 20.49 -16.82
N LEU A 93 6.46 19.83 -15.74
CA LEU A 93 6.91 20.47 -14.48
C LEU A 93 8.07 21.42 -14.76
N TYR A 94 9.02 20.99 -15.60
CA TYR A 94 10.18 21.79 -16.08
C TYR A 94 9.69 23.16 -16.57
N ASP A 95 8.78 23.17 -17.53
N ASP A 95 8.75 23.14 -17.52
CA ASP A 95 8.26 24.44 -18.10
CA ASP A 95 8.17 24.35 -18.15
C ASP A 95 7.43 25.20 -17.05
C ASP A 95 7.42 25.17 -17.08
N TYR A 96 6.62 24.50 -16.26
CA TYR A 96 5.70 25.13 -15.26
C TYR A 96 6.52 25.86 -14.19
N LEU A 97 7.62 25.27 -13.73
CA LEU A 97 8.49 25.91 -12.70
C LEU A 97 9.17 27.17 -13.24
N GLN A 98 9.35 27.31 -14.54
CA GLN A 98 10.08 28.49 -15.08
C GLN A 98 9.31 29.76 -14.67
N LEU A 99 7.98 29.73 -14.77
CA LEU A 99 7.07 30.90 -14.84
C LEU A 99 6.12 30.93 -13.62
N THR A 100 6.24 29.99 -12.70
CA THR A 100 5.32 29.91 -11.54
C THR A 100 6.12 29.66 -10.26
N THR A 101 5.74 30.35 -9.19
CA THR A 101 6.18 30.04 -7.81
C THR A 101 5.04 29.26 -7.14
N LEU A 102 5.35 28.64 -6.01
CA LEU A 102 4.43 27.73 -5.32
C LEU A 102 4.26 28.19 -3.88
N ASP A 103 3.12 27.86 -3.28
CA ASP A 103 2.93 27.92 -1.81
C ASP A 103 3.14 26.51 -1.28
N THR A 104 3.02 26.37 0.02
CA THR A 104 3.26 25.13 0.78
C THR A 104 2.33 24.04 0.25
N VAL A 105 1.02 24.33 0.10
CA VAL A 105 0.03 23.27 -0.29
C VAL A 105 0.37 22.75 -1.69
N SER A 106 0.59 23.66 -2.66
N SER A 106 0.65 23.64 -2.66
CA SER A 106 0.88 23.31 -4.07
CA SER A 106 0.86 23.25 -4.07
C SER A 106 2.19 22.51 -4.13
C SER A 106 2.23 22.59 -4.23
N CYS A 107 3.23 22.99 -3.44
CA CYS A 107 4.55 22.35 -3.45
C CYS A 107 4.41 20.92 -2.95
N LEU A 108 3.74 20.71 -1.83
CA LEU A 108 3.56 19.35 -1.27
C LEU A 108 2.70 18.49 -2.20
N ARG A 109 1.70 19.07 -2.83
CA ARG A 109 0.75 18.32 -3.70
C ARG A 109 1.52 17.78 -4.92
N ILE A 110 2.36 18.63 -5.52
CA ILE A 110 3.25 18.23 -6.63
C ILE A 110 4.16 17.07 -6.22
N VAL A 111 4.96 17.23 -5.16
CA VAL A 111 6.01 16.24 -4.87
C VAL A 111 5.34 14.96 -4.35
N LEU A 112 4.24 15.05 -3.61
CA LEU A 112 3.57 13.82 -3.13
C LEU A 112 2.94 13.06 -4.32
N SER A 113 2.44 13.75 -5.34
CA SER A 113 1.82 13.10 -6.53
C SER A 113 2.92 12.40 -7.34
N ILE A 114 4.11 13.00 -7.45
CA ILE A 114 5.25 12.34 -8.13
C ILE A 114 5.65 11.08 -7.36
N ALA A 115 5.84 11.19 -6.03
CA ALA A 115 6.16 10.04 -5.15
C ALA A 115 5.11 8.93 -5.30
N SER A 116 3.83 9.30 -5.42
N SER A 116 3.84 9.31 -5.43
CA SER A 116 2.71 8.33 -5.57
CA SER A 116 2.71 8.35 -5.58
C SER A 116 2.85 7.59 -6.91
C SER A 116 2.85 7.59 -6.90
N GLY A 117 3.09 8.31 -8.00
CA GLY A 117 3.32 7.68 -9.32
C GLY A 117 4.55 6.79 -9.29
N LEU A 118 5.65 7.24 -8.66
CA LEU A 118 6.91 6.47 -8.58
C LEU A 118 6.72 5.21 -7.73
N ALA A 119 6.05 5.29 -6.58
CA ALA A 119 5.80 4.11 -5.73
C ALA A 119 4.91 3.14 -6.49
N HIS A 120 3.99 3.63 -7.30
CA HIS A 120 3.12 2.74 -8.11
C HIS A 120 3.99 1.98 -9.12
N LEU A 121 4.88 2.67 -9.82
CA LEU A 121 5.81 2.01 -10.76
C LEU A 121 6.61 0.95 -10.01
N HIS A 122 7.18 1.27 -8.84
CA HIS A 122 8.18 0.44 -8.14
C HIS A 122 7.54 -0.83 -7.56
N ILE A 123 6.29 -0.76 -7.10
CA ILE A 123 5.66 -1.86 -6.30
C ILE A 123 5.21 -3.01 -7.21
N GLU A 124 5.56 -4.24 -6.84
CA GLU A 124 5.01 -5.46 -7.46
C GLU A 124 3.67 -5.75 -6.78
N ILE A 125 2.62 -5.97 -7.57
CA ILE A 125 1.29 -6.41 -7.07
C ILE A 125 1.05 -7.80 -7.70
N PHE A 126 0.84 -8.83 -6.87
CA PHE A 126 0.51 -10.22 -7.29
C PHE A 126 -0.90 -10.27 -7.91
N GLY A 127 -1.12 -11.17 -8.88
CA GLY A 127 -2.45 -11.56 -9.37
C GLY A 127 -2.59 -11.42 -10.89
N GLY A 130 -2.94 -7.02 -11.03
CA GLY A 130 -1.56 -6.95 -10.52
C GLY A 130 -0.60 -6.29 -11.52
N LYS A 131 0.68 -6.30 -11.20
CA LYS A 131 1.74 -5.64 -12.02
C LYS A 131 3.12 -6.09 -11.58
N PRO A 132 4.08 -6.22 -12.51
CA PRO A 132 5.47 -6.36 -12.11
C PRO A 132 5.97 -5.03 -11.53
N ALA A 133 7.04 -5.09 -10.76
CA ALA A 133 7.82 -3.93 -10.36
C ALA A 133 8.43 -3.33 -11.62
N ILE A 134 8.43 -2.00 -11.64
CA ILE A 134 8.98 -1.20 -12.77
C ILE A 134 9.88 -0.11 -12.19
N ALA A 135 11.04 0.08 -12.83
CA ALA A 135 11.92 1.24 -12.66
C ALA A 135 11.87 2.07 -13.93
N HIS A 136 11.83 3.38 -13.77
CA HIS A 136 11.64 4.36 -14.86
C HIS A 136 12.93 4.52 -15.66
N ARG A 137 14.03 4.83 -14.94
CA ARG A 137 15.43 5.01 -15.39
C ARG A 137 15.65 6.33 -16.14
N ASP A 138 14.63 7.20 -16.29
CA ASP A 138 14.90 8.55 -16.85
C ASP A 138 14.01 9.62 -16.17
N LEU A 139 13.83 9.52 -14.87
CA LEU A 139 13.00 10.49 -14.10
C LEU A 139 13.70 11.83 -14.12
N LYS A 140 12.93 12.88 -14.42
CA LYS A 140 13.38 14.29 -14.44
C LYS A 140 12.16 15.17 -14.67
N SER A 141 12.34 16.48 -14.52
CA SER A 141 11.20 17.41 -14.45
C SER A 141 10.58 17.53 -15.85
N LYS A 142 11.36 17.34 -16.91
CA LYS A 142 10.82 17.28 -18.30
C LYS A 142 9.97 16.02 -18.51
N ASN A 143 10.10 14.96 -17.70
CA ASN A 143 9.35 13.69 -17.88
C ASN A 143 8.21 13.62 -16.87
N ILE A 144 7.80 14.78 -16.38
CA ILE A 144 6.66 14.91 -15.43
C ILE A 144 5.73 15.99 -15.97
N LEU A 145 4.45 15.67 -16.07
CA LEU A 145 3.45 16.63 -16.61
CA LEU A 145 3.45 16.62 -16.61
C LEU A 145 2.60 17.15 -15.45
N VAL A 146 2.18 18.42 -15.55
CA VAL A 146 1.32 19.11 -14.55
C VAL A 146 -0.15 19.00 -15.00
N LYS A 147 -1.00 18.45 -14.16
CA LYS A 147 -2.47 18.34 -14.39
C LYS A 147 -3.20 19.56 -13.79
N LYS A 148 -4.40 19.84 -14.29
CA LYS A 148 -5.19 21.02 -13.85
C LYS A 148 -5.52 20.93 -12.38
N ASN A 149 -5.68 19.74 -11.80
CA ASN A 149 -6.00 19.60 -10.36
C ASN A 149 -4.77 19.79 -9.45
N GLY A 150 -3.63 20.22 -10.01
CA GLY A 150 -2.39 20.52 -9.25
C GLY A 150 -1.57 19.29 -8.92
N GLN A 151 -2.04 18.08 -9.24
CA GLN A 151 -1.18 16.87 -9.18
C GLN A 151 -0.40 16.74 -10.49
N CYS A 152 0.61 15.89 -10.47
CA CYS A 152 1.51 15.62 -11.63
C CYS A 152 1.33 14.17 -12.05
N CYS A 153 1.79 13.84 -13.26
CA CYS A 153 1.92 12.44 -13.70
C CYS A 153 3.30 12.25 -14.36
N ILE A 154 3.83 11.06 -14.19
CA ILE A 154 5.14 10.65 -14.74
C ILE A 154 4.93 10.09 -16.15
N ALA A 155 5.70 10.61 -17.11
CA ALA A 155 5.71 10.23 -18.54
C ALA A 155 7.02 9.53 -18.95
N ASP A 156 6.97 8.80 -20.06
CA ASP A 156 8.11 8.27 -20.86
C ASP A 156 8.69 7.04 -20.19
N LEU A 157 8.13 5.89 -20.54
CA LEU A 157 8.60 4.56 -20.05
C LEU A 157 9.48 3.87 -21.11
N GLY A 158 10.08 4.64 -22.02
CA GLY A 158 10.96 4.12 -23.11
C GLY A 158 12.23 3.45 -22.60
N LEU A 159 12.65 3.73 -21.35
CA LEU A 159 13.86 3.16 -20.71
C LEU A 159 13.48 2.23 -19.57
N ALA A 160 12.18 2.03 -19.35
CA ALA A 160 11.65 1.32 -18.17
C ALA A 160 12.10 -0.13 -18.20
N VAL A 161 12.29 -0.70 -17.02
CA VAL A 161 12.67 -2.11 -16.80
C VAL A 161 11.65 -2.68 -15.83
N MET A 162 11.30 -3.95 -16.07
CA MET A 162 10.25 -4.68 -15.34
C MET A 162 10.91 -5.84 -14.60
N HIS A 163 10.40 -6.22 -13.43
CA HIS A 163 10.84 -7.41 -12.66
C HIS A 163 9.63 -8.27 -12.29
N ARG A 177 19.78 3.69 -25.81
CA ARG A 177 19.43 4.86 -24.95
C ARG A 177 19.97 4.64 -23.52
N VAL A 178 20.46 5.71 -22.87
CA VAL A 178 20.75 5.72 -21.41
C VAL A 178 20.07 6.94 -20.80
N GLY A 179 20.01 7.01 -19.47
CA GLY A 179 19.41 8.13 -18.72
C GLY A 179 19.98 9.50 -19.07
N THR A 180 19.23 10.57 -18.80
CA THR A 180 19.71 11.98 -18.87
C THR A 180 20.90 12.09 -17.93
N LYS A 181 22.04 12.51 -18.44
CA LYS A 181 23.33 12.46 -17.67
CA LYS A 181 23.32 12.45 -17.67
C LYS A 181 23.22 13.33 -16.41
N ARG A 182 22.64 14.52 -16.53
CA ARG A 182 22.50 15.46 -15.39
C ARG A 182 21.86 14.77 -14.18
N TYR A 183 20.98 13.76 -14.40
CA TYR A 183 20.19 13.12 -13.32
C TYR A 183 20.75 11.76 -12.95
N MET A 184 21.88 11.34 -13.53
CA MET A 184 22.43 9.98 -13.26
C MET A 184 22.94 9.87 -11.83
N ALA A 185 22.56 8.79 -11.17
CA ALA A 185 23.09 8.46 -9.84
C ALA A 185 24.59 8.11 -9.94
N PRO A 186 25.35 8.27 -8.81
CA PRO A 186 26.78 7.98 -8.77
C PRO A 186 27.16 6.59 -9.30
N GLU A 187 26.43 5.55 -8.90
CA GLU A 187 26.70 4.14 -9.27
C GLU A 187 26.52 3.92 -10.78
N VAL A 188 25.80 4.81 -11.46
CA VAL A 188 25.61 4.76 -12.94
C VAL A 188 26.83 5.43 -13.58
N LEU A 189 27.20 6.58 -13.04
CA LEU A 189 28.38 7.36 -13.53
C LEU A 189 29.68 6.57 -13.30
N ASP A 190 29.81 5.81 -12.21
CA ASP A 190 31.10 5.12 -11.95
C ASP A 190 30.99 3.64 -12.33
N GLU A 191 29.83 3.23 -12.87
CA GLU A 191 29.60 1.89 -13.47
C GLU A 191 29.73 0.80 -12.39
N THR A 192 29.47 1.12 -11.13
CA THR A 192 29.41 0.12 -10.04
C THR A 192 27.99 -0.40 -9.83
N ILE A 193 26.98 0.15 -10.51
CA ILE A 193 25.58 -0.35 -10.36
C ILE A 193 25.58 -1.89 -10.58
N GLN A 194 25.00 -2.61 -9.64
CA GLN A 194 24.78 -4.08 -9.77
C GLN A 194 23.65 -4.30 -10.77
N VAL A 195 24.00 -4.49 -12.04
CA VAL A 195 23.04 -4.55 -13.18
C VAL A 195 22.09 -5.76 -13.04
N ASP A 196 22.41 -6.73 -12.18
CA ASP A 196 21.61 -7.98 -12.02
C ASP A 196 20.60 -7.83 -10.90
N CYS A 197 20.61 -6.73 -10.15
CA CYS A 197 19.72 -6.55 -8.98
C CYS A 197 18.66 -5.51 -9.35
N PHE A 198 17.39 -5.91 -9.30
CA PHE A 198 16.29 -5.01 -9.72
C PHE A 198 16.23 -3.78 -8.80
N ASP A 199 16.41 -3.95 -7.50
CA ASP A 199 16.43 -2.84 -6.50
C ASP A 199 17.45 -1.77 -6.92
N SER A 200 18.49 -2.11 -7.67
CA SER A 200 19.51 -1.13 -8.11
C SER A 200 18.81 -0.06 -8.92
N TYR A 201 17.81 -0.42 -9.71
CA TYR A 201 17.18 0.51 -10.69
C TYR A 201 16.20 1.41 -9.96
N LYS A 202 15.52 0.89 -8.94
N LYS A 202 15.53 0.89 -8.93
CA LYS A 202 14.67 1.68 -8.01
CA LYS A 202 14.67 1.68 -8.02
C LYS A 202 15.56 2.75 -7.34
C LYS A 202 15.55 2.74 -7.33
N ARG A 203 16.76 2.37 -6.89
CA ARG A 203 17.67 3.29 -6.17
C ARG A 203 18.11 4.44 -7.07
N VAL A 204 18.29 4.15 -8.35
CA VAL A 204 18.64 5.14 -9.41
C VAL A 204 17.48 6.13 -9.57
N ASP A 205 16.24 5.64 -9.55
CA ASP A 205 15.05 6.53 -9.66
C ASP A 205 14.92 7.42 -8.41
N ILE A 206 15.20 6.88 -7.23
CA ILE A 206 15.13 7.67 -5.97
C ILE A 206 16.13 8.82 -6.01
N TRP A 207 17.35 8.57 -6.47
CA TRP A 207 18.38 9.61 -6.67
C TRP A 207 17.76 10.73 -7.50
N ALA A 208 17.18 10.40 -8.65
CA ALA A 208 16.66 11.39 -9.61
C ALA A 208 15.43 12.08 -9.00
N PHE A 209 14.65 11.36 -8.22
CA PHE A 209 13.50 11.95 -7.49
C PHE A 209 13.99 13.06 -6.52
N GLY A 210 15.10 12.81 -5.84
CA GLY A 210 15.69 13.79 -4.92
C GLY A 210 16.04 15.07 -5.64
N LEU A 211 16.60 14.95 -6.84
CA LEU A 211 16.91 16.14 -7.68
C LEU A 211 15.63 16.88 -8.06
N VAL A 212 14.58 16.17 -8.44
CA VAL A 212 13.29 16.79 -8.87
C VAL A 212 12.71 17.52 -7.65
N LEU A 213 12.77 16.89 -6.48
CA LEU A 213 12.28 17.48 -5.21
C LEU A 213 12.99 18.82 -4.96
N TRP A 214 14.29 18.89 -5.24
CA TRP A 214 15.13 20.09 -5.06
C TRP A 214 14.69 21.15 -6.06
N GLU A 215 14.45 20.77 -7.32
CA GLU A 215 14.02 21.71 -8.38
C GLU A 215 12.69 22.40 -7.97
N VAL A 216 11.76 21.64 -7.39
CA VAL A 216 10.40 22.11 -7.01
C VAL A 216 10.50 22.99 -5.74
N ALA A 217 11.19 22.49 -4.70
CA ALA A 217 11.35 23.14 -3.38
C ALA A 217 11.90 24.56 -3.56
N ARG A 218 12.82 24.75 -4.49
CA ARG A 218 13.39 26.08 -4.81
C ARG A 218 12.29 27.07 -5.20
N ARG A 219 11.20 26.58 -5.79
CA ARG A 219 10.16 27.50 -6.32
C ARG A 219 9.06 27.74 -5.28
N MET A 220 9.14 27.11 -4.10
CA MET A 220 8.16 27.33 -3.02
C MET A 220 8.58 28.59 -2.24
N VAL A 221 7.70 29.59 -2.20
CA VAL A 221 7.89 30.86 -1.45
C VAL A 221 7.86 30.61 0.04
N SER A 222 8.80 31.21 0.78
CA SER A 222 8.75 31.30 2.27
C SER A 222 9.27 32.67 2.69
N ASN A 223 8.60 33.32 3.63
N ASN A 223 8.53 33.34 3.56
CA ASN A 223 9.01 34.64 4.16
CA ASN A 223 8.97 34.63 4.15
C ASN A 223 9.38 35.56 2.99
C ASN A 223 9.35 35.58 3.02
N GLY A 224 8.58 35.56 1.93
CA GLY A 224 8.75 36.47 0.78
C GLY A 224 9.94 36.13 -0.10
N ILE A 225 10.61 35.00 0.12
CA ILE A 225 11.82 34.65 -0.68
C ILE A 225 11.50 33.41 -1.53
N VAL A 226 12.04 33.37 -2.74
CA VAL A 226 12.02 32.20 -3.64
C VAL A 226 13.34 32.16 -4.41
N GLU A 227 13.80 30.98 -4.81
CA GLU A 227 14.93 30.85 -5.77
C GLU A 227 14.38 30.86 -7.21
N ASP A 228 15.19 31.36 -8.14
CA ASP A 228 15.01 31.20 -9.61
C ASP A 228 14.99 29.71 -9.94
N TYR A 229 14.22 29.34 -10.95
CA TYR A 229 14.28 27.97 -11.50
C TYR A 229 15.73 27.74 -11.96
N LYS A 230 16.32 26.65 -11.52
CA LYS A 230 17.59 26.12 -12.06
C LYS A 230 17.51 24.60 -12.10
N PRO A 231 18.18 24.01 -13.10
CA PRO A 231 18.31 22.56 -13.18
C PRO A 231 19.34 22.09 -12.17
N PRO A 232 19.25 20.81 -11.74
CA PRO A 232 20.22 20.29 -10.81
C PRO A 232 21.66 20.43 -11.37
N PHE A 233 22.59 20.87 -10.51
CA PHE A 233 24.06 20.96 -10.76
C PHE A 233 24.34 22.11 -11.73
N TYR A 234 23.41 23.07 -11.86
CA TYR A 234 23.55 24.21 -12.79
C TYR A 234 24.82 25.00 -12.51
N ASP A 235 25.29 24.96 -11.28
CA ASP A 235 26.41 25.81 -10.79
C ASP A 235 27.75 25.10 -10.94
N VAL A 236 27.77 23.81 -11.28
CA VAL A 236 29.03 23.02 -11.31
C VAL A 236 29.27 22.25 -12.63
N VAL A 237 28.33 22.21 -13.57
CA VAL A 237 28.50 21.49 -14.88
C VAL A 237 27.97 22.40 -15.97
N PRO A 238 28.45 22.24 -17.21
CA PRO A 238 27.92 23.02 -18.33
C PRO A 238 26.53 22.53 -18.74
N ASN A 239 25.90 23.26 -19.65
CA ASN A 239 24.77 22.69 -20.43
C ASN A 239 25.26 21.44 -21.16
N ASP A 240 24.39 20.46 -21.30
CA ASP A 240 24.72 19.19 -21.96
C ASP A 240 26.01 18.68 -21.35
N PRO A 241 25.99 18.43 -20.03
CA PRO A 241 27.21 18.00 -19.34
C PRO A 241 27.64 16.64 -19.91
N SER A 242 28.94 16.40 -19.99
CA SER A 242 29.48 15.08 -20.40
C SER A 242 29.28 14.13 -19.23
N PHE A 243 29.34 12.85 -19.54
CA PHE A 243 29.46 11.75 -18.58
C PHE A 243 30.60 12.06 -17.61
N GLU A 244 31.79 12.41 -18.11
CA GLU A 244 32.99 12.73 -17.27
C GLU A 244 32.66 13.95 -16.37
N ASP A 245 32.14 15.02 -16.93
CA ASP A 245 31.71 16.21 -16.13
C ASP A 245 30.88 15.75 -14.91
N MET A 246 29.87 14.94 -15.14
CA MET A 246 28.95 14.45 -14.08
C MET A 246 29.71 13.55 -13.10
N ARG A 247 30.54 12.62 -13.58
CA ARG A 247 31.26 11.66 -12.69
C ARG A 247 32.18 12.43 -11.71
N LYS A 248 32.85 13.46 -12.18
CA LYS A 248 33.79 14.25 -11.33
C LYS A 248 33.00 14.95 -10.21
N VAL A 249 31.89 15.59 -10.58
CA VAL A 249 31.02 16.29 -9.60
C VAL A 249 30.45 15.27 -8.61
N VAL A 250 29.79 14.23 -9.11
CA VAL A 250 28.91 13.38 -8.28
C VAL A 250 29.71 12.27 -7.60
N CYS A 251 30.67 11.65 -8.29
CA CYS A 251 31.41 10.48 -7.77
C CYS A 251 32.71 10.91 -7.09
N VAL A 252 33.50 11.74 -7.73
CA VAL A 252 34.90 12.02 -7.27
C VAL A 252 34.81 13.06 -6.14
N ASP A 253 34.16 14.21 -6.39
CA ASP A 253 34.03 15.30 -5.38
C ASP A 253 32.85 15.06 -4.43
N GLN A 254 31.91 14.18 -4.80
CA GLN A 254 30.67 13.86 -4.04
C GLN A 254 29.88 15.14 -3.72
N GLN A 255 29.79 16.06 -4.66
CA GLN A 255 28.94 17.25 -4.49
C GLN A 255 27.46 16.87 -4.55
N ARG A 256 26.62 17.67 -3.90
CA ARG A 256 25.14 17.54 -3.88
C ARG A 256 24.54 18.92 -4.04
N PRO A 257 23.30 19.03 -4.56
CA PRO A 257 22.70 20.36 -4.69
C PRO A 257 22.74 21.15 -3.36
N ASN A 258 22.99 22.46 -3.43
N ASN A 258 22.97 22.47 -3.48
CA ASN A 258 23.09 23.33 -2.24
CA ASN A 258 22.98 23.45 -2.36
C ASN A 258 21.69 23.63 -1.70
C ASN A 258 21.58 23.52 -1.72
N ILE A 259 21.50 23.45 -0.39
CA ILE A 259 20.26 23.83 0.33
C ILE A 259 20.43 25.27 0.81
N PRO A 260 19.64 26.23 0.27
CA PRO A 260 19.72 27.62 0.73
C PRO A 260 19.36 27.77 2.22
N ASN A 261 20.05 28.68 2.89
CA ASN A 261 19.82 29.04 4.32
C ASN A 261 18.33 29.34 4.53
N ARG A 262 17.68 30.05 3.62
CA ARG A 262 16.29 30.49 3.83
C ARG A 262 15.36 29.29 4.05
N TRP A 263 15.68 28.09 3.55
CA TRP A 263 14.78 26.93 3.75
C TRP A 263 14.68 26.64 5.24
N PHE A 264 15.73 26.94 6.02
CA PHE A 264 15.80 26.52 7.43
C PHE A 264 14.91 27.42 8.31
N SER A 265 14.36 28.49 7.77
CA SER A 265 13.34 29.30 8.48
C SER A 265 11.95 28.71 8.23
N ASP A 266 11.80 27.74 7.32
CA ASP A 266 10.46 27.19 6.97
C ASP A 266 10.40 25.72 7.32
N PRO A 267 9.39 25.29 8.12
CA PRO A 267 9.29 23.91 8.56
C PRO A 267 9.10 22.93 7.38
N THR A 268 8.43 23.36 6.30
CA THR A 268 8.17 22.48 5.14
C THR A 268 9.50 22.29 4.39
N LEU A 269 10.14 23.38 4.03
CA LEU A 269 11.44 23.32 3.32
C LEU A 269 12.50 22.62 4.14
N THR A 270 12.47 22.73 5.47
CA THR A 270 13.40 22.01 6.38
C THR A 270 13.17 20.50 6.25
N SER A 271 11.93 20.05 6.31
CA SER A 271 11.55 18.62 6.15
C SER A 271 11.87 18.13 4.73
N LEU A 272 11.69 18.97 3.71
CA LEU A 272 12.03 18.57 2.33
C LEU A 272 13.56 18.46 2.16
N ALA A 273 14.37 19.36 2.73
CA ALA A 273 15.86 19.27 2.72
C ALA A 273 16.31 17.91 3.25
N LYS A 274 15.74 17.51 4.39
CA LYS A 274 16.06 16.23 5.05
C LYS A 274 15.71 15.11 4.06
N LEU A 275 14.59 15.24 3.38
CA LEU A 275 14.08 14.17 2.48
C LEU A 275 15.05 14.03 1.30
N MET A 276 15.40 15.13 0.68
CA MET A 276 16.25 15.08 -0.53
C MET A 276 17.63 14.54 -0.16
N LYS A 277 18.15 14.87 1.03
CA LYS A 277 19.46 14.35 1.53
C LYS A 277 19.40 12.83 1.61
N GLU A 278 18.25 12.31 2.04
N GLU A 278 18.26 12.29 2.04
CA GLU A 278 18.07 10.85 2.23
CA GLU A 278 18.10 10.83 2.23
C GLU A 278 17.82 10.16 0.88
C GLU A 278 17.81 10.15 0.88
N CYS A 279 17.68 10.92 -0.20
CA CYS A 279 17.65 10.38 -1.61
C CYS A 279 19.04 10.37 -2.24
N TRP A 280 20.02 11.04 -1.63
CA TRP A 280 21.29 11.40 -2.30
C TRP A 280 22.48 10.71 -1.66
N TYR A 281 22.29 9.73 -0.80
CA TYR A 281 23.42 8.95 -0.22
C TYR A 281 24.24 8.32 -1.35
N GLN A 282 25.57 8.29 -1.20
CA GLN A 282 26.49 7.62 -2.16
CA GLN A 282 26.47 7.64 -2.19
C GLN A 282 26.08 6.15 -2.23
N ASN A 283 25.84 5.56 -1.07
CA ASN A 283 25.45 4.14 -0.94
C ASN A 283 23.99 3.99 -1.35
N PRO A 284 23.71 3.36 -2.51
CA PRO A 284 22.35 3.28 -3.03
C PRO A 284 21.41 2.64 -2.02
N SER A 285 21.91 1.64 -1.28
CA SER A 285 21.08 0.85 -0.34
C SER A 285 20.67 1.70 0.88
N ALA A 286 21.28 2.86 1.14
CA ALA A 286 20.93 3.77 2.26
C ALA A 286 19.74 4.66 1.91
N ARG A 287 19.45 4.82 0.62
CA ARG A 287 18.41 5.75 0.13
C ARG A 287 17.02 5.29 0.58
N LEU A 288 16.13 6.24 0.85
CA LEU A 288 14.69 5.97 1.15
C LEU A 288 14.06 5.26 -0.05
N THR A 289 13.03 4.47 0.21
CA THR A 289 12.14 3.87 -0.81
C THR A 289 11.05 4.90 -1.13
N ALA A 290 10.44 4.75 -2.31
CA ALA A 290 9.32 5.61 -2.76
C ALA A 290 8.21 5.58 -1.71
N LEU A 291 7.96 4.43 -1.11
CA LEU A 291 6.90 4.26 -0.09
C LEU A 291 7.21 5.07 1.17
N ARG A 292 8.47 5.05 1.64
N ARG A 292 8.47 5.09 1.65
CA ARG A 292 8.90 5.86 2.81
CA ARG A 292 8.83 5.89 2.84
C ARG A 292 8.80 7.35 2.48
C ARG A 292 8.80 7.39 2.49
N ILE A 293 9.21 7.76 1.28
CA ILE A 293 9.08 9.18 0.84
C ILE A 293 7.61 9.60 0.93
N LYS A 294 6.71 8.79 0.38
CA LYS A 294 5.27 9.03 0.43
C LYS A 294 4.83 9.25 1.88
N LYS A 295 5.13 8.32 2.77
CA LYS A 295 4.73 8.45 4.19
C LYS A 295 5.27 9.77 4.75
N THR A 296 6.54 10.07 4.51
CA THR A 296 7.16 11.29 5.09
C THR A 296 6.40 12.50 4.59
N LEU A 297 6.05 12.54 3.30
CA LEU A 297 5.40 13.71 2.69
C LEU A 297 3.98 13.89 3.27
N THR A 298 3.30 12.80 3.64
CA THR A 298 1.91 12.89 4.18
C THR A 298 1.97 13.47 5.60
N LYS A 299 3.09 13.31 6.32
CA LYS A 299 3.24 13.76 7.71
C LYS A 299 3.77 15.18 7.73
N ILE A 300 4.16 15.73 6.58
CA ILE A 300 4.67 17.12 6.49
C ILE A 300 3.45 18.01 6.34
N ASP A 301 3.38 19.04 7.20
CA ASP A 301 2.31 20.07 7.30
C ASP A 301 0.96 19.39 7.59
N ALA B 7 -15.54 -43.72 11.42
CA ALA B 7 -16.72 -42.87 10.97
C ALA B 7 -16.23 -41.52 10.43
N ARG B 8 -15.99 -41.43 9.12
CA ARG B 8 -15.35 -40.26 8.46
C ARG B 8 -16.38 -39.52 7.60
N ASP B 9 -17.53 -40.14 7.28
CA ASP B 9 -18.52 -39.58 6.31
C ASP B 9 -19.14 -38.31 6.87
N ILE B 10 -19.38 -37.35 6.00
CA ILE B 10 -20.00 -36.04 6.31
C ILE B 10 -21.20 -35.88 5.40
N THR B 11 -22.32 -35.37 5.93
CA THR B 11 -23.50 -34.95 5.13
C THR B 11 -23.50 -33.42 5.08
N LEU B 12 -23.53 -32.83 3.89
CA LEU B 12 -23.68 -31.37 3.71
C LEU B 12 -25.19 -31.03 3.77
N LEU B 13 -25.63 -30.24 4.77
CA LEU B 13 -27.07 -30.00 5.04
C LEU B 13 -27.51 -28.65 4.48
N GLU B 14 -26.73 -27.59 4.63
CA GLU B 14 -27.09 -26.31 3.98
C GLU B 14 -25.87 -25.41 3.84
N CYS B 15 -25.83 -24.62 2.76
CA CYS B 15 -24.76 -23.64 2.49
C CYS B 15 -25.12 -22.37 3.24
N VAL B 16 -24.31 -21.98 4.23
CA VAL B 16 -24.62 -20.84 5.15
C VAL B 16 -23.93 -19.57 4.65
N GLY B 17 -23.10 -19.68 3.63
CA GLY B 17 -22.24 -18.58 3.14
C GLY B 17 -21.53 -18.97 1.85
N LYS B 18 -21.50 -18.02 0.91
CA LYS B 18 -20.88 -18.13 -0.41
C LYS B 18 -20.21 -16.78 -0.67
N GLY B 19 -18.95 -16.78 -1.10
CA GLY B 19 -18.19 -15.55 -1.40
C GLY B 19 -16.93 -15.86 -2.17
N ARG B 20 -16.06 -14.86 -2.34
CA ARG B 20 -14.77 -15.04 -3.06
C ARG B 20 -13.89 -16.05 -2.31
N TYR B 21 -14.12 -16.26 -0.99
CA TYR B 21 -13.44 -17.26 -0.12
C TYR B 21 -13.81 -18.71 -0.50
N GLY B 22 -14.94 -18.88 -1.18
CA GLY B 22 -15.55 -20.19 -1.41
C GLY B 22 -16.91 -20.30 -0.75
N GLU B 23 -17.14 -21.37 -0.02
CA GLU B 23 -18.46 -21.68 0.55
C GLU B 23 -18.24 -22.23 1.95
N VAL B 24 -19.15 -21.93 2.86
CA VAL B 24 -19.24 -22.68 4.13
C VAL B 24 -20.59 -23.41 4.23
N TRP B 25 -20.54 -24.64 4.74
CA TRP B 25 -21.69 -25.55 4.85
C TRP B 25 -21.84 -25.93 6.31
N ARG B 26 -23.07 -25.98 6.79
CA ARG B 26 -23.43 -26.79 7.96
C ARG B 26 -23.53 -28.22 7.47
N GLY B 27 -22.83 -29.12 8.14
CA GLY B 27 -22.86 -30.54 7.80
C GLY B 27 -23.06 -31.36 9.05
N SER B 28 -23.26 -32.66 8.87
CA SER B 28 -23.40 -33.63 9.96
C SER B 28 -22.25 -34.62 9.90
N TRP B 29 -21.68 -34.97 11.05
CA TRP B 29 -20.50 -35.88 11.21
C TRP B 29 -20.63 -36.57 12.56
N GLN B 30 -20.80 -37.89 12.56
CA GLN B 30 -21.09 -38.70 13.77
C GLN B 30 -22.20 -38.02 14.58
N GLY B 31 -23.33 -37.69 13.95
CA GLY B 31 -24.50 -37.07 14.62
C GLY B 31 -24.31 -35.61 15.03
N GLU B 32 -23.08 -35.07 14.99
CA GLU B 32 -22.74 -33.69 15.46
C GLU B 32 -22.76 -32.73 14.26
N ASN B 33 -23.20 -31.48 14.47
CA ASN B 33 -23.05 -30.39 13.46
C ASN B 33 -21.57 -30.06 13.29
N VAL B 34 -21.14 -29.77 12.06
CA VAL B 34 -19.73 -29.39 11.78
C VAL B 34 -19.81 -28.33 10.71
N ALA B 35 -18.83 -27.43 10.69
CA ALA B 35 -18.68 -26.45 9.60
C ALA B 35 -17.73 -27.06 8.56
N VAL B 36 -18.11 -27.02 7.30
CA VAL B 36 -17.28 -27.50 6.16
C VAL B 36 -17.05 -26.31 5.25
N LYS B 37 -15.83 -25.80 5.25
CA LYS B 37 -15.42 -24.76 4.27
C LYS B 37 -14.81 -25.45 3.05
N ILE B 38 -15.30 -25.05 1.86
CA ILE B 38 -14.73 -25.47 0.57
C ILE B 38 -14.13 -24.21 -0.03
N PHE B 39 -12.82 -24.17 -0.20
CA PHE B 39 -12.08 -22.94 -0.54
C PHE B 39 -12.24 -22.72 -2.03
N SER B 40 -12.26 -21.47 -2.49
CA SER B 40 -12.09 -21.14 -3.92
C SER B 40 -10.67 -21.47 -4.33
N SER B 41 -10.46 -21.86 -5.58
CA SER B 41 -9.11 -22.22 -6.10
C SER B 41 -8.22 -20.98 -6.06
N ARG B 42 -8.85 -19.82 -6.02
CA ARG B 42 -8.18 -18.49 -5.91
C ARG B 42 -7.46 -18.38 -4.54
N ASP B 43 -7.88 -19.18 -3.56
N ASP B 43 -7.92 -19.13 -3.53
CA ASP B 43 -7.40 -19.05 -2.17
CA ASP B 43 -7.44 -19.05 -2.12
C ASP B 43 -6.72 -20.34 -1.69
C ASP B 43 -6.73 -20.34 -1.68
N GLU B 44 -6.19 -21.14 -2.61
CA GLU B 44 -5.53 -22.42 -2.29
C GLU B 44 -4.38 -22.22 -1.27
N LYS B 45 -3.69 -21.09 -1.33
CA LYS B 45 -2.55 -20.81 -0.39
C LYS B 45 -3.07 -20.62 1.04
N SER B 46 -4.30 -20.09 1.23
CA SER B 46 -4.93 -19.96 2.56
C SER B 46 -5.20 -21.37 3.09
N TRP B 47 -5.76 -22.24 2.26
CA TRP B 47 -6.09 -23.62 2.70
C TRP B 47 -4.80 -24.27 3.27
N PHE B 48 -3.73 -24.19 2.50
CA PHE B 48 -2.45 -24.89 2.85
C PHE B 48 -1.90 -24.27 4.13
N ARG B 49 -1.88 -22.95 4.21
CA ARG B 49 -1.38 -22.21 5.40
C ARG B 49 -2.22 -22.59 6.64
N GLU B 50 -3.53 -22.64 6.51
CA GLU B 50 -4.42 -22.99 7.65
C GLU B 50 -4.14 -24.43 8.09
N THR B 51 -3.85 -25.30 7.13
CA THR B 51 -3.52 -26.72 7.42
C THR B 51 -2.19 -26.79 8.21
N GLU B 52 -1.18 -26.04 7.78
CA GLU B 52 0.11 -25.93 8.54
C GLU B 52 -0.13 -25.47 9.97
N LEU B 53 -0.91 -24.40 10.15
CA LEU B 53 -1.21 -23.86 11.50
C LEU B 53 -1.89 -24.95 12.34
N TYR B 54 -2.88 -25.67 11.81
CA TYR B 54 -3.69 -26.60 12.63
C TYR B 54 -2.92 -27.89 12.90
N ASN B 55 -1.76 -28.09 12.30
CA ASN B 55 -0.86 -29.21 12.66
C ASN B 55 -0.29 -29.00 14.08
N THR B 56 -0.16 -27.76 14.55
CA THR B 56 0.35 -27.41 15.92
C THR B 56 -0.63 -27.91 17.00
N VAL B 57 -0.32 -28.97 17.74
CA VAL B 57 -1.33 -29.56 18.66
C VAL B 57 -1.61 -28.60 19.83
N MET B 58 -0.62 -27.81 20.30
CA MET B 58 -0.83 -26.78 21.37
C MET B 58 -1.54 -25.51 20.86
N LEU B 59 -2.01 -25.48 19.60
CA LEU B 59 -2.90 -24.38 19.13
C LEU B 59 -4.24 -24.44 19.88
N ARG B 60 -4.71 -25.65 20.19
CA ARG B 60 -6.08 -25.90 20.75
C ARG B 60 -6.25 -24.99 21.97
N HIS B 61 -7.35 -24.26 21.98
CA HIS B 61 -7.68 -23.28 23.04
C HIS B 61 -9.18 -23.02 22.97
N GLU B 62 -9.82 -22.74 24.10
CA GLU B 62 -11.28 -22.46 24.11
C GLU B 62 -11.59 -21.27 23.18
N ASN B 63 -10.66 -20.36 22.92
CA ASN B 63 -10.98 -19.14 22.12
C ASN B 63 -10.32 -19.19 20.73
N ILE B 64 -10.01 -20.39 20.25
CA ILE B 64 -9.56 -20.64 18.85
C ILE B 64 -10.49 -21.67 18.23
N LEU B 65 -10.96 -21.41 17.03
CA LEU B 65 -11.87 -22.32 16.30
C LEU B 65 -11.23 -23.70 16.27
N GLY B 66 -11.93 -24.70 16.81
CA GLY B 66 -11.48 -26.09 16.91
C GLY B 66 -11.48 -26.79 15.55
N PHE B 67 -10.35 -27.38 15.19
CA PHE B 67 -10.09 -28.14 13.95
C PHE B 67 -10.57 -29.60 14.08
N ILE B 68 -11.15 -30.14 13.04
CA ILE B 68 -11.48 -31.59 12.93
C ILE B 68 -10.64 -32.23 11.83
N ALA B 69 -10.64 -31.66 10.62
CA ALA B 69 -9.94 -32.27 9.48
C ALA B 69 -9.67 -31.22 8.41
N SER B 70 -8.63 -31.47 7.63
CA SER B 70 -8.30 -30.75 6.38
C SER B 70 -8.10 -31.78 5.27
N ASP B 71 -8.59 -31.50 4.07
CA ASP B 71 -8.49 -32.45 2.95
C ASP B 71 -8.23 -31.66 1.69
N MET B 72 -7.29 -32.12 0.90
CA MET B 72 -7.21 -31.80 -0.54
C MET B 72 -7.57 -33.06 -1.32
N THR B 73 -8.51 -32.97 -2.25
CA THR B 73 -9.05 -34.12 -3.02
C THR B 73 -8.98 -33.75 -4.48
N SER B 74 -8.63 -34.70 -5.36
CA SER B 74 -8.54 -34.37 -6.81
C SER B 74 -8.85 -35.61 -7.65
N ARG B 75 -9.57 -35.40 -8.75
CA ARG B 75 -9.67 -36.35 -9.87
C ARG B 75 -9.48 -35.55 -11.15
N HIS B 76 -8.67 -36.07 -12.07
CA HIS B 76 -8.32 -35.36 -13.33
C HIS B 76 -7.84 -33.97 -12.96
N SER B 77 -8.34 -32.89 -13.56
CA SER B 77 -7.76 -31.54 -13.38
C SER B 77 -8.54 -30.74 -12.31
N SER B 78 -9.42 -31.37 -11.56
CA SER B 78 -10.32 -30.70 -10.62
C SER B 78 -9.84 -30.99 -9.19
N THR B 79 -9.56 -29.94 -8.41
CA THR B 79 -9.14 -30.07 -6.99
C THR B 79 -10.19 -29.45 -6.07
N GLN B 80 -10.52 -30.10 -4.96
CA GLN B 80 -11.34 -29.49 -3.90
C GLN B 80 -10.46 -29.33 -2.64
N LEU B 81 -10.62 -28.21 -1.93
CA LEU B 81 -9.90 -27.92 -0.69
C LEU B 81 -10.92 -27.73 0.44
N TRP B 82 -10.85 -28.62 1.43
CA TRP B 82 -11.82 -28.76 2.54
C TRP B 82 -11.15 -28.40 3.88
N LEU B 83 -11.84 -27.60 4.69
CA LEU B 83 -11.55 -27.50 6.14
C LEU B 83 -12.81 -27.81 6.92
N ILE B 84 -12.68 -28.71 7.88
CA ILE B 84 -13.81 -29.16 8.73
C ILE B 84 -13.51 -28.75 10.18
N THR B 85 -14.41 -27.99 10.77
CA THR B 85 -14.27 -27.46 12.15
C THR B 85 -15.57 -27.63 12.93
N HIS B 86 -15.54 -27.28 14.20
CA HIS B 86 -16.73 -27.14 15.06
C HIS B 86 -17.66 -26.13 14.41
N TYR B 87 -18.96 -26.35 14.56
CA TYR B 87 -20.02 -25.47 14.02
C TYR B 87 -20.52 -24.57 15.16
N HIS B 88 -20.61 -23.27 14.93
CA HIS B 88 -21.14 -22.30 15.93
C HIS B 88 -22.42 -21.69 15.39
N GLU B 89 -23.57 -22.20 15.81
CA GLU B 89 -24.87 -21.82 15.19
C GLU B 89 -25.21 -20.35 15.46
N MET B 90 -24.62 -19.69 16.46
CA MET B 90 -24.84 -18.22 16.66
C MET B 90 -24.05 -17.43 15.62
N GLY B 91 -23.17 -18.07 14.85
CA GLY B 91 -22.52 -17.38 13.72
C GLY B 91 -21.35 -16.53 14.16
N SER B 92 -20.97 -15.52 13.38
CA SER B 92 -19.83 -14.63 13.70
C SER B 92 -20.31 -13.47 14.58
N LEU B 93 -19.34 -12.83 15.21
CA LEU B 93 -19.56 -11.63 16.07
C LEU B 93 -20.21 -10.57 15.21
N TYR B 94 -19.77 -10.47 13.97
CA TYR B 94 -20.32 -9.48 13.01
C TYR B 94 -21.85 -9.67 12.90
N ASP B 95 -22.29 -10.93 12.80
CA ASP B 95 -23.73 -11.27 12.65
C ASP B 95 -24.44 -10.98 13.98
N TYR B 96 -23.86 -11.45 15.08
CA TYR B 96 -24.44 -11.37 16.44
C TYR B 96 -24.69 -9.89 16.85
N LEU B 97 -23.71 -9.00 16.63
CA LEU B 97 -23.82 -7.59 17.08
C LEU B 97 -24.96 -6.87 16.33
N GLN B 98 -25.36 -7.36 15.17
N GLN B 98 -25.38 -7.35 15.17
CA GLN B 98 -26.46 -6.73 14.38
CA GLN B 98 -26.46 -6.67 14.40
C GLN B 98 -27.81 -6.96 15.07
C GLN B 98 -27.84 -7.06 14.93
N LEU B 99 -27.93 -8.05 15.81
CA LEU B 99 -29.21 -8.62 16.28
C LEU B 99 -29.45 -8.30 17.75
N THR B 100 -28.40 -7.96 18.51
CA THR B 100 -28.54 -7.86 19.97
C THR B 100 -27.71 -6.70 20.50
N THR B 101 -28.15 -6.16 21.63
CA THR B 101 -27.36 -5.22 22.46
C THR B 101 -26.76 -6.02 23.61
N LEU B 102 -25.79 -5.43 24.30
CA LEU B 102 -25.02 -6.13 25.35
C LEU B 102 -25.20 -5.39 26.67
N ASP B 103 -25.14 -6.10 27.78
CA ASP B 103 -24.95 -5.46 29.09
C ASP B 103 -23.45 -5.49 29.37
N THR B 104 -23.05 -4.98 30.52
CA THR B 104 -21.62 -4.86 30.90
C THR B 104 -20.97 -6.23 30.92
N VAL B 105 -21.62 -7.17 31.56
CA VAL B 105 -21.09 -8.53 31.80
C VAL B 105 -20.86 -9.21 30.45
N SER B 106 -21.82 -9.14 29.53
N SER B 106 -21.83 -9.15 29.53
CA SER B 106 -21.72 -9.80 28.21
CA SER B 106 -21.76 -9.82 28.21
C SER B 106 -20.65 -9.09 27.40
C SER B 106 -20.80 -9.08 27.28
N CYS B 107 -20.61 -7.77 27.46
CA CYS B 107 -19.61 -6.99 26.67
C CYS B 107 -18.20 -7.43 27.08
N LEU B 108 -17.94 -7.52 28.39
CA LEU B 108 -16.58 -7.82 28.88
C LEU B 108 -16.24 -9.29 28.60
N ARG B 109 -17.19 -10.18 28.74
CA ARG B 109 -16.97 -11.63 28.46
C ARG B 109 -16.52 -11.80 27.00
N ILE B 110 -17.21 -11.13 26.09
CA ILE B 110 -16.89 -11.19 24.64
C ILE B 110 -15.47 -10.67 24.45
N VAL B 111 -15.19 -9.44 24.87
CA VAL B 111 -13.89 -8.81 24.50
C VAL B 111 -12.74 -9.48 25.27
N LEU B 112 -12.95 -9.89 26.52
CA LEU B 112 -11.93 -10.67 27.23
C LEU B 112 -11.67 -12.00 26.48
N SER B 113 -12.69 -12.70 26.01
CA SER B 113 -12.49 -14.03 25.36
C SER B 113 -11.64 -13.84 24.10
N ILE B 114 -11.89 -12.78 23.35
CA ILE B 114 -11.14 -12.51 22.11
C ILE B 114 -9.69 -12.20 22.49
N ALA B 115 -9.47 -11.37 23.53
CA ALA B 115 -8.10 -11.01 23.97
C ALA B 115 -7.38 -12.29 24.40
N SER B 116 -8.12 -13.21 25.04
N SER B 116 -8.12 -13.22 25.01
CA SER B 116 -7.57 -14.49 25.54
CA SER B 116 -7.54 -14.48 25.53
C SER B 116 -7.10 -15.32 24.34
C SER B 116 -7.12 -15.37 24.36
N GLY B 117 -7.94 -15.46 23.31
CA GLY B 117 -7.59 -16.18 22.07
C GLY B 117 -6.36 -15.55 21.43
N LEU B 118 -6.34 -14.22 21.34
CA LEU B 118 -5.27 -13.48 20.66
C LEU B 118 -3.95 -13.60 21.45
N ALA B 119 -3.99 -13.52 22.78
CA ALA B 119 -2.79 -13.68 23.64
C ALA B 119 -2.27 -15.10 23.49
N HIS B 120 -3.15 -16.07 23.37
CA HIS B 120 -2.77 -17.48 23.12
C HIS B 120 -2.05 -17.61 21.78
N LEU B 121 -2.57 -17.01 20.71
CA LEU B 121 -1.88 -17.06 19.41
C LEU B 121 -0.48 -16.42 19.55
N HIS B 122 -0.43 -15.18 20.04
CA HIS B 122 0.78 -14.33 20.09
C HIS B 122 1.89 -14.96 20.93
N ILE B 123 1.56 -15.70 21.99
CA ILE B 123 2.61 -16.08 22.97
C ILE B 123 3.16 -17.45 22.58
N GLU B 124 4.48 -17.52 22.41
CA GLU B 124 5.25 -18.78 22.22
C GLU B 124 5.18 -19.61 23.50
N ILE B 125 4.94 -20.92 23.36
CA ILE B 125 5.14 -21.95 24.42
C ILE B 125 6.27 -22.91 23.99
N PHE B 126 7.15 -23.26 24.94
CA PHE B 126 8.49 -23.86 24.69
C PHE B 126 8.48 -25.37 24.97
N GLY B 130 4.79 -28.21 21.82
CA GLY B 130 4.78 -26.76 22.09
C GLY B 130 4.06 -25.96 21.01
N LYS B 131 4.27 -24.64 20.97
CA LYS B 131 3.61 -23.76 19.95
C LYS B 131 4.49 -22.56 19.65
N PRO B 132 4.71 -22.24 18.36
CA PRO B 132 5.38 -20.99 18.02
C PRO B 132 4.46 -19.81 18.37
N ALA B 133 5.03 -18.61 18.38
CA ALA B 133 4.27 -17.35 18.39
C ALA B 133 3.57 -17.25 17.03
N ILE B 134 2.32 -16.76 17.03
CA ILE B 134 1.47 -16.69 15.79
C ILE B 134 0.79 -15.33 15.74
N ALA B 135 0.99 -14.59 14.64
CA ALA B 135 0.21 -13.40 14.29
C ALA B 135 -0.84 -13.81 13.24
N HIS B 136 -2.08 -13.35 13.43
CA HIS B 136 -3.26 -13.78 12.67
C HIS B 136 -3.28 -13.09 11.30
N ARG B 137 -3.22 -11.78 11.33
CA ARG B 137 -3.11 -10.85 10.18
C ARG B 137 -4.48 -10.57 9.50
N ASP B 138 -5.57 -11.18 9.90
CA ASP B 138 -6.88 -10.80 9.30
C ASP B 138 -7.95 -10.86 10.40
N LEU B 139 -7.63 -10.27 11.55
CA LEU B 139 -8.57 -10.23 12.69
C LEU B 139 -9.69 -9.24 12.33
N LYS B 140 -10.93 -9.67 12.52
CA LYS B 140 -12.14 -8.87 12.23
C LYS B 140 -13.36 -9.62 12.76
N SER B 141 -14.48 -8.91 12.91
CA SER B 141 -15.70 -9.44 13.56
C SER B 141 -16.25 -10.64 12.78
N LYS B 142 -16.07 -10.68 11.46
CA LYS B 142 -16.47 -11.90 10.65
C LYS B 142 -15.57 -13.11 10.93
N ASN B 143 -14.36 -12.89 11.45
CA ASN B 143 -13.42 -14.01 11.73
C ASN B 143 -13.46 -14.36 13.20
N ILE B 144 -14.50 -13.93 13.90
CA ILE B 144 -14.74 -14.28 15.33
C ILE B 144 -16.11 -14.93 15.40
N LEU B 145 -16.21 -16.10 16.03
CA LEU B 145 -17.47 -16.85 16.18
C LEU B 145 -17.96 -16.78 17.63
N VAL B 146 -19.28 -16.67 17.78
CA VAL B 146 -19.94 -16.56 19.10
C VAL B 146 -20.33 -17.97 19.53
N LYS B 147 -20.01 -18.32 20.76
CA LYS B 147 -20.34 -19.64 21.32
C LYS B 147 -21.48 -19.46 22.32
N LYS B 148 -22.14 -20.57 22.65
CA LYS B 148 -23.34 -20.58 23.52
C LYS B 148 -22.96 -20.21 24.95
N ASN B 149 -21.71 -20.41 25.39
CA ASN B 149 -21.26 -19.98 26.74
C ASN B 149 -20.98 -18.47 26.81
N GLY B 150 -21.20 -17.70 25.75
CA GLY B 150 -21.04 -16.24 25.80
C GLY B 150 -19.63 -15.80 25.44
N GLN B 151 -18.70 -16.74 25.35
CA GLN B 151 -17.34 -16.46 24.83
C GLN B 151 -17.27 -16.62 23.31
N CYS B 152 -16.22 -16.08 22.72
CA CYS B 152 -15.96 -16.08 21.27
C CYS B 152 -14.72 -16.93 20.98
N CYS B 153 -14.50 -17.28 19.72
CA CYS B 153 -13.27 -17.97 19.28
C CYS B 153 -12.85 -17.36 17.95
N ILE B 154 -11.55 -17.21 17.78
CA ILE B 154 -10.93 -16.62 16.57
C ILE B 154 -10.79 -17.70 15.51
N ALA B 155 -11.07 -17.35 14.27
CA ALA B 155 -11.10 -18.27 13.12
C ALA B 155 -10.27 -17.68 11.99
N ASP B 156 -9.92 -18.53 11.04
CA ASP B 156 -9.27 -18.19 9.76
C ASP B 156 -7.78 -17.89 10.03
N LEU B 157 -6.98 -18.95 10.03
CA LEU B 157 -5.52 -18.84 10.20
C LEU B 157 -4.81 -18.92 8.84
N GLY B 158 -5.51 -18.69 7.72
CA GLY B 158 -4.96 -18.78 6.34
C GLY B 158 -3.88 -17.74 6.02
N LEU B 159 -3.79 -16.65 6.78
CA LEU B 159 -2.79 -15.57 6.56
C LEU B 159 -1.75 -15.55 7.68
N ALA B 160 -1.81 -16.48 8.63
CA ALA B 160 -1.03 -16.40 9.89
C ALA B 160 0.49 -16.50 9.63
N VAL B 161 1.26 -15.78 10.43
CA VAL B 161 2.76 -15.80 10.40
C VAL B 161 3.21 -16.46 11.70
N MET B 162 4.24 -17.32 11.63
CA MET B 162 4.75 -18.05 12.81
C MET B 162 6.19 -17.61 13.11
N HIS B 163 6.56 -17.60 14.39
CA HIS B 163 7.91 -17.21 14.84
C HIS B 163 8.30 -18.04 16.07
N SER B 164 9.52 -18.55 16.13
CA SER B 164 10.06 -19.07 17.41
C SER B 164 11.37 -18.35 17.68
N GLN B 165 11.39 -17.61 18.77
CA GLN B 165 12.60 -16.93 19.26
C GLN B 165 13.58 -18.04 19.70
N SER B 166 13.02 -19.16 20.16
CA SER B 166 13.73 -20.35 20.69
C SER B 166 14.78 -20.80 19.69
N THR B 167 14.45 -20.80 18.39
CA THR B 167 15.33 -21.24 17.28
C THR B 167 15.58 -20.11 16.28
N ASN B 168 15.07 -18.90 16.53
CA ASN B 168 15.29 -17.71 15.67
C ASN B 168 14.72 -17.94 14.26
N GLN B 169 13.50 -18.49 14.15
CA GLN B 169 12.87 -18.77 12.83
C GLN B 169 11.57 -17.98 12.69
N LEU B 170 11.43 -17.28 11.57
CA LEU B 170 10.23 -16.55 11.14
C LEU B 170 9.70 -17.24 9.88
N ASP B 171 8.44 -17.66 9.93
CA ASP B 171 7.76 -18.35 8.80
C ASP B 171 6.58 -17.47 8.37
N VAL B 172 6.76 -16.70 7.30
CA VAL B 172 5.74 -15.76 6.79
C VAL B 172 4.85 -16.45 5.74
N GLY B 173 5.13 -17.71 5.41
CA GLY B 173 4.38 -18.44 4.36
C GLY B 173 4.58 -17.82 2.98
N ASN B 174 3.84 -18.31 1.98
CA ASN B 174 3.76 -17.72 0.62
C ASN B 174 2.29 -17.64 0.27
N ASN B 175 1.63 -16.60 0.73
CA ASN B 175 0.21 -16.30 0.45
C ASN B 175 0.16 -14.87 -0.05
N PRO B 176 -0.21 -14.61 -1.33
CA PRO B 176 -0.33 -13.23 -1.83
C PRO B 176 -1.59 -12.52 -1.30
N ARG B 177 -2.44 -13.27 -0.59
CA ARG B 177 -3.64 -12.71 0.10
C ARG B 177 -3.18 -11.59 1.04
N VAL B 178 -3.97 -10.52 1.17
CA VAL B 178 -3.75 -9.43 2.15
C VAL B 178 -4.97 -9.31 3.06
N GLY B 179 -4.80 -8.68 4.22
CA GLY B 179 -5.89 -8.55 5.19
C GLY B 179 -7.11 -7.82 4.63
N THR B 180 -8.24 -7.93 5.33
CA THR B 180 -9.46 -7.16 4.99
C THR B 180 -9.13 -5.67 5.04
N LYS B 181 -9.44 -4.95 3.98
CA LYS B 181 -8.96 -3.55 3.77
C LYS B 181 -9.38 -2.67 4.97
N ARG B 182 -10.63 -2.81 5.40
CA ARG B 182 -11.25 -1.98 6.45
C ARG B 182 -10.46 -2.05 7.76
N TYR B 183 -9.78 -3.16 8.05
CA TYR B 183 -9.11 -3.41 9.34
C TYR B 183 -7.60 -3.23 9.24
N MET B 184 -7.08 -2.79 8.08
CA MET B 184 -5.61 -2.73 7.89
C MET B 184 -5.03 -1.58 8.71
N ALA B 185 -3.95 -1.86 9.41
CA ALA B 185 -3.15 -0.87 10.17
C ALA B 185 -2.53 0.15 9.23
N PRO B 186 -2.20 1.34 9.75
CA PRO B 186 -1.60 2.38 8.94
C PRO B 186 -0.37 1.87 8.17
N GLU B 187 0.47 1.08 8.85
CA GLU B 187 1.78 0.61 8.30
C GLU B 187 1.52 -0.45 7.22
N VAL B 188 0.35 -1.10 7.22
CA VAL B 188 -0.08 -2.02 6.15
C VAL B 188 -0.57 -1.20 4.94
N LEU B 189 -1.36 -0.15 5.17
CA LEU B 189 -1.95 0.68 4.10
C LEU B 189 -0.89 1.54 3.44
N ASP B 190 0.14 1.99 4.16
CA ASP B 190 1.23 2.78 3.55
C ASP B 190 2.41 1.88 3.14
N GLU B 191 2.32 0.56 3.39
CA GLU B 191 3.30 -0.47 2.99
C GLU B 191 4.72 -0.14 3.50
N THR B 192 4.82 0.46 4.69
CA THR B 192 6.09 0.69 5.42
C THR B 192 6.28 -0.38 6.50
N ILE B 193 5.29 -1.24 6.75
CA ILE B 193 5.42 -2.34 7.74
C ILE B 193 6.75 -3.10 7.51
N GLN B 194 7.45 -3.40 8.60
CA GLN B 194 8.77 -4.08 8.59
C GLN B 194 8.54 -5.57 8.39
N VAL B 195 8.71 -6.09 7.17
CA VAL B 195 8.19 -7.44 6.80
C VAL B 195 9.03 -8.56 7.43
N ASP B 196 10.21 -8.27 7.98
CA ASP B 196 11.11 -9.33 8.49
C ASP B 196 11.05 -9.34 10.02
N CYS B 197 10.16 -8.55 10.61
CA CYS B 197 10.08 -8.34 12.08
CA CYS B 197 10.09 -8.36 12.09
C CYS B 197 8.78 -8.95 12.63
N PHE B 198 8.87 -10.03 13.38
CA PHE B 198 7.64 -10.72 13.82
C PHE B 198 6.75 -9.76 14.60
N ASP B 199 7.32 -8.87 15.42
CA ASP B 199 6.56 -7.94 16.29
C ASP B 199 5.68 -7.05 15.41
N SER B 200 6.13 -6.74 14.21
CA SER B 200 5.33 -5.95 13.23
C SER B 200 3.95 -6.60 13.05
N TYR B 201 3.88 -7.93 12.94
CA TYR B 201 2.61 -8.64 12.61
C TYR B 201 1.72 -8.66 13.84
N LYS B 202 2.31 -8.82 15.03
CA LYS B 202 1.51 -8.78 16.28
C LYS B 202 0.86 -7.40 16.37
N ARG B 203 1.56 -6.33 15.99
CA ARG B 203 1.07 -4.95 16.18
C ARG B 203 -0.09 -4.66 15.23
N VAL B 204 -0.10 -5.36 14.10
CA VAL B 204 -1.17 -5.28 13.08
C VAL B 204 -2.44 -5.90 13.68
N ASP B 205 -2.31 -7.03 14.38
CA ASP B 205 -3.42 -7.70 15.10
C ASP B 205 -3.99 -6.79 16.18
N ILE B 206 -3.12 -6.04 16.89
CA ILE B 206 -3.55 -5.17 18.01
C ILE B 206 -4.38 -4.02 17.43
N TRP B 207 -3.95 -3.46 16.32
CA TRP B 207 -4.76 -2.43 15.62
C TRP B 207 -6.16 -2.97 15.34
N ALA B 208 -6.26 -4.14 14.71
CA ALA B 208 -7.54 -4.73 14.25
C ALA B 208 -8.38 -5.03 15.48
N PHE B 209 -7.74 -5.52 16.54
CA PHE B 209 -8.42 -5.86 17.80
CA PHE B 209 -8.44 -5.88 17.80
C PHE B 209 -9.06 -4.60 18.38
N GLY B 210 -8.33 -3.47 18.32
CA GLY B 210 -8.90 -2.18 18.73
C GLY B 210 -10.21 -1.93 18.00
N LEU B 211 -10.22 -2.13 16.69
CA LEU B 211 -11.43 -1.89 15.85
C LEU B 211 -12.55 -2.84 16.30
N VAL B 212 -12.25 -4.10 16.57
CA VAL B 212 -13.28 -5.06 17.04
C VAL B 212 -13.83 -4.60 18.41
N LEU B 213 -12.97 -4.18 19.35
N LEU B 213 -12.97 -4.16 19.32
CA LEU B 213 -13.43 -3.63 20.67
CA LEU B 213 -13.37 -3.66 20.66
C LEU B 213 -14.44 -2.52 20.39
C LEU B 213 -14.36 -2.49 20.47
N TRP B 214 -14.10 -1.60 19.51
CA TRP B 214 -14.99 -0.45 19.19
C TRP B 214 -16.36 -0.95 18.66
N GLU B 215 -16.35 -1.96 17.77
CA GLU B 215 -17.58 -2.53 17.17
C GLU B 215 -18.46 -3.10 18.28
N VAL B 216 -17.83 -3.77 19.23
CA VAL B 216 -18.55 -4.43 20.35
C VAL B 216 -19.07 -3.38 21.35
N ALA B 217 -18.22 -2.45 21.76
CA ALA B 217 -18.52 -1.47 22.83
C ALA B 217 -19.72 -0.60 22.41
N ARG B 218 -19.81 -0.28 21.12
CA ARG B 218 -20.95 0.46 20.51
C ARG B 218 -22.27 -0.21 20.88
N ARG B 219 -22.29 -1.52 21.02
CA ARG B 219 -23.51 -2.33 21.23
C ARG B 219 -23.78 -2.55 22.74
N MET B 220 -22.90 -2.09 23.63
CA MET B 220 -23.16 -2.18 25.09
C MET B 220 -24.06 -1.00 25.50
N VAL B 221 -25.16 -1.31 26.17
CA VAL B 221 -26.11 -0.26 26.64
C VAL B 221 -25.51 0.48 27.85
N SER B 222 -25.60 1.80 27.86
CA SER B 222 -25.38 2.57 29.11
C SER B 222 -26.42 3.68 29.16
N ASN B 223 -27.04 3.86 30.34
CA ASN B 223 -27.99 4.98 30.60
C ASN B 223 -29.07 4.97 29.53
N GLY B 224 -29.58 3.79 29.15
CA GLY B 224 -30.63 3.61 28.13
C GLY B 224 -30.21 4.08 26.73
N ILE B 225 -28.90 4.13 26.44
CA ILE B 225 -28.37 4.57 25.11
C ILE B 225 -27.48 3.43 24.54
N VAL B 226 -27.55 3.24 23.23
CA VAL B 226 -26.71 2.24 22.51
C VAL B 226 -26.54 2.78 21.09
N GLU B 227 -25.41 2.48 20.44
CA GLU B 227 -25.21 2.86 19.02
C GLU B 227 -25.68 1.68 18.19
N ASP B 228 -26.13 1.94 16.97
CA ASP B 228 -26.41 0.89 15.94
C ASP B 228 -25.10 0.18 15.60
N TYR B 229 -25.17 -1.09 15.19
CA TYR B 229 -24.01 -1.83 14.65
C TYR B 229 -23.50 -1.03 13.44
N LYS B 230 -22.20 -0.74 13.40
CA LYS B 230 -21.50 -0.21 12.21
C LYS B 230 -20.12 -0.85 12.10
N PRO B 231 -19.63 -1.08 10.87
CA PRO B 231 -18.24 -1.50 10.70
C PRO B 231 -17.27 -0.33 10.92
N PRO B 232 -15.97 -0.59 11.23
CA PRO B 232 -14.99 0.47 11.38
C PRO B 232 -14.99 1.34 10.12
N PHE B 233 -14.94 2.66 10.30
CA PHE B 233 -14.79 3.69 9.25
C PHE B 233 -16.02 3.75 8.31
N TYR B 234 -17.20 3.24 8.75
CA TYR B 234 -18.48 3.25 7.99
C TYR B 234 -18.80 4.65 7.46
N ASP B 235 -18.42 5.67 8.23
CA ASP B 235 -18.85 7.07 8.02
C ASP B 235 -17.89 7.82 7.08
N VAL B 236 -16.67 7.31 6.82
CA VAL B 236 -15.62 8.13 6.12
C VAL B 236 -15.15 7.52 4.80
N VAL B 237 -15.54 6.29 4.48
CA VAL B 237 -15.14 5.65 3.20
C VAL B 237 -16.37 5.19 2.45
N PRO B 238 -16.24 5.02 1.11
CA PRO B 238 -17.32 4.45 0.31
C PRO B 238 -17.64 3.03 0.78
N ASN B 239 -18.85 2.56 0.46
CA ASN B 239 -19.19 1.12 0.58
C ASN B 239 -18.14 0.34 -0.23
N ASP B 240 -17.83 -0.86 0.21
CA ASP B 240 -16.79 -1.76 -0.37
C ASP B 240 -15.53 -0.92 -0.59
N PRO B 241 -14.93 -0.33 0.47
CA PRO B 241 -13.78 0.55 0.32
C PRO B 241 -12.58 -0.15 -0.31
N SER B 242 -11.95 0.53 -1.26
CA SER B 242 -10.65 0.11 -1.85
C SER B 242 -9.52 0.28 -0.83
N PHE B 243 -8.39 -0.36 -1.12
CA PHE B 243 -7.10 -0.14 -0.43
C PHE B 243 -6.81 1.35 -0.36
N GLU B 244 -6.93 2.10 -1.46
CA GLU B 244 -6.59 3.54 -1.49
C GLU B 244 -7.58 4.36 -0.64
N ASP B 245 -8.88 3.97 -0.59
CA ASP B 245 -9.89 4.65 0.27
C ASP B 245 -9.43 4.55 1.74
N MET B 246 -9.03 3.35 2.15
CA MET B 246 -8.62 3.10 3.55
C MET B 246 -7.32 3.85 3.85
N ARG B 247 -6.39 3.90 2.90
CA ARG B 247 -5.10 4.59 3.09
C ARG B 247 -5.38 6.07 3.29
N LYS B 248 -6.26 6.66 2.48
CA LYS B 248 -6.67 8.08 2.61
C LYS B 248 -7.12 8.37 4.05
N VAL B 249 -8.08 7.63 4.59
CA VAL B 249 -8.68 8.04 5.88
C VAL B 249 -7.71 7.69 7.02
N VAL B 250 -7.08 6.50 7.01
CA VAL B 250 -6.19 6.05 8.11
C VAL B 250 -4.83 6.75 8.06
N CYS B 251 -4.22 6.90 6.88
CA CYS B 251 -2.82 7.38 6.70
C CYS B 251 -2.77 8.89 6.45
N VAL B 252 -3.56 9.40 5.51
CA VAL B 252 -3.51 10.83 5.12
C VAL B 252 -4.31 11.64 6.13
N ASP B 253 -5.56 11.25 6.41
CA ASP B 253 -6.49 12.06 7.25
C ASP B 253 -6.28 11.75 8.74
N GLN B 254 -5.46 10.75 9.07
CA GLN B 254 -5.18 10.27 10.45
C GLN B 254 -6.47 9.97 11.23
N GLN B 255 -7.50 9.44 10.58
CA GLN B 255 -8.79 9.14 11.24
C GLN B 255 -8.66 7.92 12.15
N ARG B 256 -9.37 7.95 13.27
CA ARG B 256 -9.60 6.77 14.13
C ARG B 256 -11.09 6.74 14.39
N PRO B 257 -11.69 5.57 14.71
CA PRO B 257 -13.10 5.55 15.06
C PRO B 257 -13.41 6.57 16.16
N ASN B 258 -14.58 7.22 16.05
CA ASN B 258 -15.07 8.25 17.00
C ASN B 258 -15.58 7.55 18.25
N ILE B 259 -15.23 8.09 19.40
CA ILE B 259 -15.74 7.57 20.70
C ILE B 259 -17.02 8.35 20.98
N PRO B 260 -18.19 7.68 21.00
CA PRO B 260 -19.43 8.38 21.36
C PRO B 260 -19.28 9.00 22.75
N ASN B 261 -19.70 10.26 22.90
CA ASN B 261 -19.53 11.00 24.19
C ASN B 261 -20.27 10.29 25.32
N ARG B 262 -21.37 9.57 25.02
CA ARG B 262 -22.20 8.89 26.05
C ARG B 262 -21.35 7.86 26.79
N TRP B 263 -20.31 7.30 26.14
CA TRP B 263 -19.41 6.31 26.79
C TRP B 263 -18.79 6.92 28.06
N PHE B 264 -18.50 8.21 28.07
CA PHE B 264 -17.72 8.84 29.18
C PHE B 264 -18.55 8.87 30.47
N SER B 265 -19.86 8.59 30.42
CA SER B 265 -20.73 8.50 31.62
C SER B 265 -20.55 7.15 32.29
N ASP B 266 -20.01 6.17 31.57
CA ASP B 266 -19.96 4.76 32.03
C ASP B 266 -18.49 4.37 32.29
N PRO B 267 -18.19 3.82 33.48
CA PRO B 267 -16.82 3.42 33.83
C PRO B 267 -16.24 2.37 32.89
N THR B 268 -17.06 1.40 32.47
CA THR B 268 -16.62 0.27 31.61
C THR B 268 -16.27 0.81 30.23
N LEU B 269 -17.15 1.63 29.66
CA LEU B 269 -16.92 2.16 28.30
C LEU B 269 -15.78 3.17 28.32
N THR B 270 -15.63 3.91 29.40
CA THR B 270 -14.49 4.87 29.54
C THR B 270 -13.19 4.07 29.49
N SER B 271 -13.10 2.99 30.27
CA SER B 271 -11.94 2.04 30.28
C SER B 271 -11.72 1.42 28.89
N LEU B 272 -12.79 0.97 28.22
CA LEU B 272 -12.66 0.34 26.89
C LEU B 272 -12.17 1.38 25.89
N ALA B 273 -12.66 2.61 25.98
CA ALA B 273 -12.25 3.69 25.05
C ALA B 273 -10.73 3.94 25.19
N LYS B 274 -10.21 3.93 26.42
CA LYS B 274 -8.76 4.14 26.69
C LYS B 274 -7.98 2.98 26.05
N LEU B 275 -8.45 1.76 26.28
CA LEU B 275 -7.86 0.51 25.74
C LEU B 275 -7.77 0.62 24.21
N MET B 276 -8.88 0.96 23.54
CA MET B 276 -8.88 0.89 22.07
C MET B 276 -7.98 2.01 21.54
N LYS B 277 -7.85 3.14 22.25
CA LYS B 277 -6.98 4.25 21.78
C LYS B 277 -5.51 3.82 21.87
N GLU B 278 -5.15 2.92 22.79
CA GLU B 278 -3.76 2.40 22.93
C GLU B 278 -3.51 1.22 21.98
N CYS B 279 -4.51 0.81 21.20
CA CYS B 279 -4.41 -0.13 20.06
C CYS B 279 -4.12 0.67 18.78
N TRP B 280 -4.36 1.97 18.82
CA TRP B 280 -4.50 2.77 17.59
C TRP B 280 -3.38 3.78 17.40
N TYR B 281 -2.31 3.73 18.18
CA TYR B 281 -1.16 4.63 17.94
C TYR B 281 -0.66 4.43 16.50
N GLN B 282 -0.33 5.49 15.78
CA GLN B 282 0.27 5.33 14.43
C GLN B 282 1.64 4.65 14.61
N ASN B 283 2.34 4.93 15.70
CA ASN B 283 3.61 4.24 16.04
C ASN B 283 3.28 2.82 16.49
N PRO B 284 3.59 1.77 15.69
CA PRO B 284 3.18 0.41 16.06
C PRO B 284 3.74 -0.03 17.42
N SER B 285 4.99 0.36 17.72
CA SER B 285 5.71 -0.06 18.95
C SER B 285 5.08 0.57 20.21
N ALA B 286 4.27 1.62 20.09
CA ALA B 286 3.52 2.23 21.23
C ALA B 286 2.30 1.38 21.62
N ARG B 287 1.79 0.53 20.74
CA ARG B 287 0.51 -0.17 20.96
C ARG B 287 0.68 -1.17 22.09
N LEU B 288 -0.40 -1.45 22.81
CA LEU B 288 -0.41 -2.45 23.90
C LEU B 288 -0.11 -3.83 23.30
N THR B 289 0.29 -4.79 24.14
CA THR B 289 0.41 -6.22 23.74
C THR B 289 -0.92 -6.92 24.04
N ALA B 290 -1.13 -8.09 23.44
CA ALA B 290 -2.35 -8.88 23.61
C ALA B 290 -2.43 -9.28 25.09
N LEU B 291 -1.28 -9.57 25.69
CA LEU B 291 -1.26 -9.97 27.12
C LEU B 291 -1.74 -8.80 28.00
N ARG B 292 -1.27 -7.58 27.73
CA ARG B 292 -1.61 -6.39 28.55
C ARG B 292 -3.12 -6.13 28.39
N ILE B 293 -3.64 -6.30 27.19
CA ILE B 293 -5.10 -6.11 26.93
C ILE B 293 -5.86 -7.12 27.77
N LYS B 294 -5.42 -8.38 27.75
CA LYS B 294 -6.10 -9.45 28.51
C LYS B 294 -6.09 -9.11 30.00
N LYS B 295 -4.95 -8.65 30.50
CA LYS B 295 -4.75 -8.31 31.94
C LYS B 295 -5.67 -7.14 32.29
N THR B 296 -5.70 -6.09 31.44
CA THR B 296 -6.55 -4.90 31.69
C THR B 296 -8.04 -5.32 31.75
N LEU B 297 -8.52 -6.10 30.77
CA LEU B 297 -9.94 -6.59 30.68
C LEU B 297 -10.25 -7.54 31.83
N THR B 298 -9.26 -8.26 32.37
CA THR B 298 -9.48 -9.15 33.54
C THR B 298 -9.79 -8.28 34.76
N LYS B 299 -9.22 -7.07 34.83
CA LYS B 299 -9.32 -6.14 35.97
C LYS B 299 -10.56 -5.23 35.86
N ILE B 300 -11.03 -4.89 34.64
CA ILE B 300 -12.20 -4.02 34.40
C ILE B 300 -13.46 -4.76 34.85
N ASP B 301 -14.42 -4.03 35.43
CA ASP B 301 -15.79 -4.52 35.75
C ASP B 301 -16.80 -3.48 35.24
C10 LU8 C . 2.43 17.80 -23.25
C10 LU8 C . 2.71 17.72 -23.15
C13 LU8 C . 4.11 21.27 -23.24
C13 LU8 C . 5.06 20.67 -22.96
C15 LU8 C . 3.21 23.56 -23.84
C15 LU8 C . 4.90 23.06 -23.62
C17 LU8 C . 1.91 25.33 -25.19
C17 LU8 C . 4.74 25.23 -24.96
C20 LU8 C . 2.45 25.75 -22.80
C20 LU8 C . 5.40 25.27 -22.53
C21 LU8 C . 2.33 24.22 -22.78
C21 LU8 C . 4.59 23.98 -22.45
C22 LU8 C . 1.85 21.47 -23.98
C22 LU8 C . 3.00 21.44 -23.93
C24 LU8 C . 3.31 16.76 -23.56
C24 LU8 C . 3.52 16.61 -23.40
C26 LU8 C . 4.96 14.16 -22.94
C26 LU8 C . 4.97 13.91 -22.74
C01 LU8 C . 2.68 11.09 -26.27
C01 LU8 C . 2.60 11.25 -26.25
C03 LU8 C . 4.11 12.04 -24.50
C03 LU8 C . 4.18 12.00 -24.58
C04 LU8 C . 3.28 13.16 -24.33
C04 LU8 C . 3.40 13.14 -24.38
C05 LU8 C . 3.72 14.24 -23.56
C05 LU8 C . 3.80 14.10 -23.47
C06 LU8 C . 2.88 15.45 -23.31
C06 LU8 C . 2.97 15.33 -23.23
C07 LU8 C . 1.60 15.21 -22.81
C07 LU8 C . 1.63 15.21 -22.87
C09 LU8 C . 1.16 17.47 -22.75
C09 LU8 C . 1.39 17.52 -22.80
C11 LU8 C . 2.70 19.28 -23.41
C11 LU8 C . 3.25 19.11 -23.29
C12 LU8 C . 3.93 19.88 -23.09
C12 LU8 C . 4.54 19.38 -22.85
C14 LU8 C . 3.07 22.08 -23.70
C14 LU8 C . 4.30 21.70 -23.50
C16 LU8 C . 2.80 24.08 -25.24
C16 LU8 C . 4.41 23.73 -24.90
C19 LU8 C . 3.74 26.83 -24.54
C19 LU8 C . 7.07 25.42 -24.25
C23 LU8 C . 1.68 20.10 -23.84
C23 LU8 C . 2.47 20.14 -23.83
C25 LU8 C . 4.69 17.05 -24.12
C25 LU8 C . 4.95 16.81 -23.81
C27 LU8 C . 5.78 13.07 -23.10
C27 LU8 C . 5.75 12.77 -22.95
C29 LU8 C . 7.56 13.73 -21.47
C29 LU8 C . 7.54 13.55 -21.48
C30 LU8 C . 5.36 12.02 -23.90
C30 LU8 C . 5.36 11.83 -23.87
C32 LU8 C . 5.98 9.75 -23.34
C32 LU8 C . 5.84 9.55 -23.35
N08 LU8 C . 0.76 16.22 -22.53
N08 LU8 C . 0.88 16.29 -22.64
N18 LU8 C . 2.41 26.29 -24.18
N18 LU8 C . 5.67 25.72 -23.91
O02 LU8 C . 3.71 10.97 -25.28
O02 LU8 C . 3.78 11.05 -25.49
O28 LU8 C . 7.04 12.93 -22.54
O28 LU8 C . 6.92 12.52 -22.26
O31 LU8 C . 6.23 10.96 -24.03
O31 LU8 C . 6.17 10.75 -24.02
C1 EDO D . -3.61 9.79 -15.95
O1 EDO D . -4.97 9.93 -16.35
C2 EDO D . -2.74 10.91 -16.37
O2 EDO D . -2.79 11.18 -17.76
C1 EDO E . 26.86 22.03 -5.47
O1 EDO E . 27.00 23.45 -5.66
C2 EDO E . 26.24 21.27 -6.62
O2 EDO E . 25.44 22.02 -7.57
C1 EDO F . 38.93 9.42 -10.21
O1 EDO F . 39.93 9.70 -9.24
C2 EDO F . 39.25 10.02 -11.53
O2 EDO F . 38.68 11.31 -11.73
C1 EDO G . 23.87 24.16 -16.92
O1 EDO G . 24.38 23.31 -15.90
C2 EDO G . 23.87 25.63 -16.67
O2 EDO G . 24.99 26.20 -15.95
S DMS H . -10.71 8.96 -20.23
O DMS H . -10.83 7.51 -20.53
C1 DMS H . -12.33 9.53 -19.79
C2 DMS H . -9.94 9.09 -18.63
O1 TLA I . 2.85 6.05 -45.90
O11 TLA I . 2.62 6.13 -48.10
C1 TLA I . 3.05 6.57 -47.02
C2 TLA I . 3.91 7.84 -47.06
O2 TLA I . 3.88 8.43 -48.34
C3 TLA I . 5.35 7.53 -46.65
O3 TLA I . 6.01 6.79 -47.67
C4 TLA I . 6.10 8.82 -46.29
O4 TLA I . 5.82 9.35 -45.19
O41 TLA I . 6.95 9.23 -47.09
C10 LU8 J . -12.19 1.11 -31.03
C13 LU8 J . -12.77 -1.57 -28.45
C15 LU8 J . -13.95 -3.77 -28.52
C17 LU8 J . -15.85 -5.16 -27.78
C20 LU8 J . -13.69 -6.23 -28.19
C21 LU8 J . -13.25 -5.04 -29.03
C22 LU8 J . -13.78 -2.24 -30.55
C24 LU8 J . -10.85 1.39 -31.25
C26 LU8 J . -8.39 2.02 -33.17
C01 LU8 J . -7.23 6.57 -31.01
C03 LU8 J . -7.24 4.47 -32.36
C04 LU8 J . -8.55 4.14 -31.97
C05 LU8 J . -9.10 2.92 -32.33
C06 LU8 J . -10.50 2.51 -31.99
C07 LU8 J . -11.51 3.27 -32.56
C09 LU8 J . -13.15 1.90 -31.62
C11 LU8 J . -12.65 -0.08 -30.31
C12 LU8 J . -12.34 -0.35 -28.99
C14 LU8 J . -13.49 -2.51 -29.21
C16 LU8 J . -15.45 -3.96 -28.64
C19 LU8 J . -15.55 -7.50 -27.24
C23 LU8 J . -13.34 -1.04 -31.10
C25 LU8 J . -9.79 0.54 -30.59
C27 LU8 J . -7.08 2.33 -33.56
C29 LU8 J . -6.77 0.17 -34.73
C30 LU8 J . -6.51 3.57 -33.16
C32 LU8 J . -5.01 4.80 -34.49
N08 LU8 J . -12.80 2.97 -32.37
N18 LU8 J . -15.16 -6.40 -28.17
O02 LU8 J . -6.66 5.68 -32.00
O28 LU8 J . -6.35 1.49 -34.38
O31 LU8 J . -5.20 3.89 -33.46
C10 LU8 K . -14.64 0.89 -26.79
C13 LU8 K . -16.41 -1.94 -24.99
C15 LU8 K . -15.39 -3.76 -23.49
C17 LU8 K . -17.13 -4.82 -22.01
C20 LU8 K . -15.58 -6.26 -23.22
C21 LU8 K . -15.55 -5.09 -24.21
C22 LU8 K . -14.02 -2.06 -24.55
C24 LU8 K . -13.78 1.92 -26.44
C26 LU8 K . -11.25 3.85 -26.98
C01 LU8 K . -13.87 7.90 -25.74
C03 LU8 K . -12.18 6.19 -25.89
C04 LU8 K . -13.11 5.24 -26.33
C05 LU8 K . -12.64 4.04 -26.86
C06 LU8 K . -13.58 2.96 -27.31
C07 LU8 K . -14.20 2.98 -28.54
C09 LU8 K . -15.24 0.96 -28.03
C11 LU8 K . -14.93 -0.29 -25.94
C12 LU8 K . -16.23 -0.79 -25.77
C14 LU8 K . -15.30 -2.58 -24.38
C16 LU8 K . -16.52 -3.52 -22.48
C19 LU8 K . -16.62 -6.96 -21.13
C23 LU8 K . -13.83 -0.93 -25.32
C25 LU8 K . -13.08 2.01 -25.12
C27 LU8 K . -10.33 4.80 -26.55
C29 LU8 K . -8.29 3.50 -27.04
C30 LU8 K . -10.80 5.96 -26.01
C32 LU8 K . -9.37 7.89 -26.46
N08 LU8 K . -15.01 1.99 -28.86
N18 LU8 K . -16.05 -5.83 -21.88
O02 LU8 K . -12.61 7.37 -25.37
O28 LU8 K . -8.97 4.66 -26.60
O31 LU8 K . -9.85 6.86 -25.56
S SO4 L . -5.70 17.67 -17.06
O1 SO4 L . -5.88 16.24 -17.10
O2 SO4 L . -6.21 18.12 -15.77
O3 SO4 L . -4.32 18.05 -17.23
O4 SO4 L . -6.40 18.30 -18.13
S SO4 M . 22.42 30.79 0.67
O1 SO4 M . 22.45 29.81 1.72
O2 SO4 M . 21.52 31.85 1.05
O3 SO4 M . 21.98 30.20 -0.51
O4 SO4 M . 23.70 31.36 0.47
S SO4 N . 21.00 19.18 -20.17
O1 SO4 N . 20.92 18.42 -18.92
O2 SO4 N . 21.76 20.38 -19.99
O3 SO4 N . 19.69 19.55 -20.60
O4 SO4 N . 21.63 18.36 -21.17
C1 EDO O . -2.00 -0.99 -12.07
O1 EDO O . -1.76 0.21 -12.82
C2 EDO O . -1.80 -2.25 -12.82
O2 EDO O . -2.86 -2.55 -13.71
C1 EDO P . -14.39 -7.07 -32.13
O1 EDO P . -15.24 -7.86 -31.33
C2 EDO P . -14.94 -5.74 -32.42
O2 EDO P . -16.12 -5.84 -33.14
C1 EDO Q . 14.47 34.33 7.26
O1 EDO Q . 14.03 33.94 8.54
C2 EDO Q . 14.11 33.38 6.18
O2 EDO Q . 13.99 33.99 4.90
C1 EDO R . 16.34 16.53 -26.86
O1 EDO R . 16.98 17.13 -27.97
C2 EDO R . 16.66 15.11 -26.81
O2 EDO R . 15.60 14.31 -26.36
C1 EDO S . 21.68 31.87 -8.39
O1 EDO S . 22.90 31.17 -8.15
C2 EDO S . 20.46 31.02 -8.43
O2 EDO S . 20.08 30.48 -7.15
C10 LU8 T . -20.29 -20.34 11.03
C13 LU8 T . -23.88 -19.39 10.21
C15 LU8 T . -24.97 -17.25 9.55
C17 LU8 T . -26.10 -14.90 9.57
C20 LU8 T . -25.78 -16.04 7.39
C21 LU8 T . -24.95 -17.16 8.02
C22 LU8 T . -22.50 -17.43 10.00
C24 LU8 T . -19.07 -20.27 10.35
C26 LU8 T . -15.96 -19.80 10.03
C01 LU8 T . -14.84 -24.52 8.51
C03 LU8 T . -14.82 -22.11 8.99
C04 LU8 T . -16.08 -22.16 9.59
C05 LU8 T . -16.65 -21.01 10.12
C06 LU8 T . -18.01 -21.05 10.79
C07 LU8 T . -18.21 -21.93 11.84
C09 LU8 T . -20.42 -21.22 12.08
C11 LU8 T . -21.50 -19.53 10.65
C12 LU8 T . -22.75 -20.14 10.57
C14 LU8 T . -23.77 -18.03 9.94
C16 LU8 T . -25.04 -15.86 10.18
C19 LU8 T . -27.39 -14.29 7.59
C23 LU8 T . -21.37 -18.17 10.38
C25 LU8 T . -18.86 -19.36 9.17
C27 LU8 T . -14.70 -19.76 9.44
C29 LU8 T . -14.49 -17.32 9.60
C30 LU8 T . -14.14 -20.92 8.92
C32 LU8 T . -11.79 -21.21 9.11
N08 LU8 T . -19.39 -21.99 12.46
N18 LU8 T . -26.73 -15.41 8.33
O02 LU8 T . -14.22 -23.24 8.45
O28 LU8 T . -13.99 -18.63 9.34
O31 LU8 T . -12.91 -20.87 8.33
S SO4 U . -21.29 -23.78 20.62
O1 SO4 U . -22.29 -24.70 20.15
O2 SO4 U . -21.62 -23.39 21.97
O3 SO4 U . -19.99 -24.39 20.60
O4 SO4 U . -21.28 -22.63 19.76
C1 EDO V . -14.07 9.00 12.26
O1 EDO V . -15.29 9.64 11.79
C2 EDO V . -13.74 7.71 11.59
O2 EDO V . -14.70 6.67 11.80
S DMS W . 1.17 -6.90 36.11
O DMS W . -0.25 -6.94 35.60
C1 DMS W . 2.17 -7.70 34.88
C2 DMS W . 1.77 -5.24 35.86
C01 XGM X . 1.58 -7.48 2.16
C02 XGM X . 0.29 -6.74 1.82
C03 XGM X . 0.35 -5.23 1.99
O04 XGM X . -0.13 -4.48 1.20
N05 XGM X . 1.04 -4.82 3.18
O06 XGM X . 1.18 -3.51 3.47
C01 XGM Y . -21.13 -17.91 6.56
C02 XGM Y . -20.23 -16.69 6.58
C03 XGM Y . -20.93 -15.41 7.02
O04 XGM Y . -21.86 -15.03 6.39
N05 XGM Y . -20.41 -14.71 8.19
O06 XGM Y . -20.94 -13.51 8.65
S SO4 Z . -16.49 -12.19 0.16
O1 SO4 Z . -15.22 -12.86 0.22
O2 SO4 Z . -17.20 -12.38 1.39
O3 SO4 Z . -17.26 -12.70 -0.94
O4 SO4 Z . -16.25 -10.78 -0.06
S SO4 AA . -11.74 -6.96 1.46
O1 SO4 AA . -12.94 -7.46 2.07
O2 SO4 AA . -11.12 -6.01 2.32
O3 SO4 AA . -10.83 -8.06 1.21
O4 SO4 AA . -12.08 -6.33 0.19
C1 EDO BA . -13.22 -23.86 20.72
O1 EDO BA . -11.80 -24.10 20.64
C2 EDO BA . -13.95 -23.44 19.50
O2 EDO BA . -14.62 -24.49 18.86
C1 EDO CA . 1.58 8.21 17.15
O1 EDO CA . 1.85 7.00 17.88
C2 EDO CA . 0.34 8.92 17.60
O2 EDO CA . -0.84 8.16 17.45
C1 EDO DA . -31.96 -0.90 25.69
O1 EDO DA . -31.63 -0.07 26.79
C2 EDO DA . -31.58 -0.28 24.39
O2 EDO DA . -31.30 1.11 24.50
#